data_4AF0
#
_entry.id   4AF0
#
_cell.length_a   149.630
_cell.length_b   149.630
_cell.length_c   122.700
_cell.angle_alpha   90.00
_cell.angle_beta   90.00
_cell.angle_gamma   90.00
#
_symmetry.space_group_name_H-M   'I 4'
#
loop_
_entity.id
_entity.type
_entity.pdbx_description
1 polymer "INOSINE-5'-MONOPHOSPHATE DEHYDROGENASE"
2 polymer "INOSINE-5'-MONOPHOSPHATE DEHYDROGENASE"
3 non-polymer 'MYCOPHENOLIC ACID'
4 non-polymer 'INOSINIC ACID'
5 non-polymer 'SULFATE ION'
6 water water
#
loop_
_entity_poly.entity_id
_entity_poly.type
_entity_poly.pdbx_seq_one_letter_code
_entity_poly.pdbx_strand_id
1 'polypeptide(L)'
;MRGSHHHHHHGSMPETNPNAPPRPDSLLNPSDALKHLEEYPRGDGLSLQELMDSRKNGGLTYNDFLVLPGHINFPASDVS
LQSKATKNIVLNTPFLSSPMDTVTEDRMAIALALHGGLGIIHHNCSAEEQAAMVRRVKKYENGFITDPLCLGPDATVGDV
LEIKAKFGFCGVPITETGEPDSKLLGIVTGRDVQFQDAETPIKSVMTTEVVTGSSPITLEKANSLLRETKKGKLPIVDSN
GHLVSLVARSDLLKNQNYPYASKVPESKQLYCGAAIGTRPGDKDRLKLLAEAGLDVVVLDSSQGNSVYQIEFIKWIKQTY
PKIDVIAGNVVTREQAAQLIAAGADGLRIGMGSGSICITQEVMAVGRPQGTAVYAVAEFASRFGIPCIADGGIGNIGHIA
KALALGASAVMMGGLLAGTTESPGEYFYHEGKRVKVYRGMGSIEAMEHTQRGSASGKRSILGLDNAATARYFSEADAVKV
AQGVSGDVADKGSINKFVPYLFTGLQHSLQDAAIKSVSELHSCARSGSLRFELRTASAQLEGGVHGLNSYTKRLFA
;
A
2 'polypeptide(L)'
;MRGSHHHHHHGSMPETNPNAPPRPDSLLNPSDALKHLEEYPRGDGLSLQELMDSRKNGGLTYNDFLVLPGHINFPASDVS
LQSKATKNIVLNTPFLSSPMDTVTEDRMAIALALHGGLGIIHHNCSAEEQAAMVRRVKKYENGFITDPLCLGPDATVGDV
LEIKAKFGFCGVPITETGEPDSKLLGIVTGRDVQFQDAETPIKSVMTTEVVTGSSPITLEKANSLLRETKKGKLPIVDSN
GHLVSLVARSDLLKNQNYPYASKVPESKQLYCGAAIGTRPGDKDRLKLLAEAGLDVVVLDSSQGNSVYQIEFIKWIKQTY
PKIDVIAGNVVTREQAAQLIAAGADGLRIGMGSGSICITQEVMAVGRPQGTAVYAVAEFASRFGIPCIADGGIGNIGHIA
KALALGASAVMMGGLLAGTTESPGEYFYHEGKRVKVYRGMGSIEAMEHTQRGSASGKRSILGLDNAATARYFSEADAVKV
AQGVSGDVADKGSINKFVPYLFTGLQHSLQDAGIKSVSELHSCARSGSLRFELRTASAQLEGGVHGLNSYTKRLFA
;
B
#
# COMPACT_ATOMS: atom_id res chain seq x y z
N THR A 16 -4.84 50.54 -42.10
CA THR A 16 -3.55 50.51 -41.40
C THR A 16 -2.97 49.09 -41.33
N ASN A 17 -1.63 48.99 -41.09
CA ASN A 17 -0.95 47.70 -40.99
C ASN A 17 -1.11 47.15 -39.56
N PRO A 18 -1.84 46.02 -39.36
CA PRO A 18 -1.99 45.47 -38.00
C PRO A 18 -0.73 44.79 -37.44
N ASN A 19 0.33 44.59 -38.26
CA ASN A 19 1.55 43.88 -37.86
C ASN A 19 2.76 44.77 -37.58
N ALA A 20 2.68 46.04 -37.97
CA ALA A 20 3.77 46.99 -37.82
C ALA A 20 3.25 48.40 -37.60
N PRO A 21 4.00 49.28 -36.89
CA PRO A 21 3.54 50.67 -36.76
C PRO A 21 3.80 51.40 -38.08
N PRO A 22 3.32 52.67 -38.27
CA PRO A 22 3.63 53.37 -39.53
C PRO A 22 5.15 53.46 -39.74
N ARG A 23 5.58 53.44 -41.01
CA ARG A 23 6.99 53.55 -41.37
C ARG A 23 7.51 54.97 -41.07
N PRO A 24 8.76 55.13 -40.55
CA PRO A 24 9.27 56.47 -40.26
C PRO A 24 9.55 57.30 -41.51
N ASP A 25 9.51 58.65 -41.36
CA ASP A 25 9.74 59.58 -42.48
C ASP A 25 11.20 59.54 -42.96
N SER A 26 12.13 59.40 -42.01
CA SER A 26 13.56 59.32 -42.23
C SER A 26 14.15 58.15 -41.42
N LEU A 27 15.40 57.71 -41.74
CA LEU A 27 16.06 56.61 -41.04
C LEU A 27 16.16 56.81 -39.55
N LEU A 28 15.93 55.73 -38.84
CA LEU A 28 15.98 55.71 -37.39
C LEU A 28 17.38 55.33 -36.95
N ASN A 29 17.74 55.65 -35.71
CA ASN A 29 19.07 55.36 -35.20
C ASN A 29 19.13 53.91 -34.75
N PRO A 30 20.11 53.11 -35.25
CA PRO A 30 20.21 51.69 -34.82
C PRO A 30 20.33 51.46 -33.32
N SER A 31 20.84 52.46 -32.56
CA SER A 31 20.96 52.35 -31.10
C SER A 31 19.57 52.42 -30.40
N ASP A 32 18.53 52.88 -31.13
CA ASP A 32 17.14 52.97 -30.65
C ASP A 32 16.30 51.76 -31.10
N ALA A 33 16.93 50.75 -31.75
CA ALA A 33 16.22 49.56 -32.26
C ALA A 33 15.36 48.86 -31.23
N LEU A 34 15.85 48.72 -29.98
CA LEU A 34 15.11 48.05 -28.91
C LEU A 34 13.91 48.85 -28.41
N LYS A 35 14.02 50.19 -28.44
CA LYS A 35 12.95 51.11 -28.07
C LYS A 35 11.84 51.04 -29.13
N HIS A 36 12.22 51.05 -30.44
CA HIS A 36 11.28 51.00 -31.56
C HIS A 36 10.56 49.67 -31.64
N LEU A 37 11.22 48.59 -31.22
CA LEU A 37 10.64 47.26 -31.19
C LEU A 37 9.38 47.24 -30.29
N GLU A 38 9.38 48.02 -29.20
CA GLU A 38 8.26 48.13 -28.26
C GLU A 38 7.07 48.94 -28.81
N GLU A 39 7.23 49.59 -29.97
CA GLU A 39 6.17 50.36 -30.62
C GLU A 39 5.29 49.47 -31.52
N TYR A 40 5.73 48.23 -31.79
CA TYR A 40 5.01 47.29 -32.63
C TYR A 40 3.72 46.83 -31.97
N PRO A 41 2.63 46.67 -32.77
CA PRO A 41 1.33 46.30 -32.19
C PRO A 41 1.20 44.88 -31.64
N ARG A 42 2.14 44.01 -32.03
CA ARG A 42 2.16 42.58 -31.66
C ARG A 42 3.56 42.01 -31.91
N GLY A 43 3.84 40.87 -31.29
CA GLY A 43 5.09 40.14 -31.48
C GLY A 43 5.14 39.53 -32.87
N ASP A 44 6.37 39.25 -33.34
CA ASP A 44 6.58 38.66 -34.67
C ASP A 44 6.10 37.22 -34.63
N GLY A 45 5.49 36.74 -35.70
CA GLY A 45 4.91 35.39 -35.73
C GLY A 45 3.63 35.31 -34.92
N LEU A 46 3.33 34.11 -34.41
CA LEU A 46 2.09 33.84 -33.67
C LEU A 46 2.33 33.46 -32.26
N SER A 47 1.36 33.76 -31.38
CA SER A 47 1.36 33.29 -30.00
C SER A 47 0.84 31.86 -30.10
N LEU A 48 1.05 31.04 -29.06
CA LEU A 48 0.53 29.66 -29.02
C LEU A 48 -1.01 29.64 -29.14
N GLN A 49 -1.69 30.62 -28.50
CA GLN A 49 -3.15 30.76 -28.54
C GLN A 49 -3.66 31.05 -29.95
N GLU A 50 -2.90 31.84 -30.73
CA GLU A 50 -3.22 32.20 -32.12
C GLU A 50 -2.98 31.00 -33.04
N LEU A 51 -1.89 30.26 -32.81
CA LEU A 51 -1.56 29.09 -33.63
C LEU A 51 -2.63 27.98 -33.49
N MET A 52 -3.00 27.67 -32.24
CA MET A 52 -3.91 26.60 -31.90
C MET A 52 -5.39 27.01 -31.85
N ASP A 53 -5.82 27.67 -32.90
CA ASP A 53 -7.20 28.11 -33.11
C ASP A 53 -7.80 27.25 -34.23
N SER A 54 -8.74 26.36 -33.86
CA SER A 54 -9.44 25.40 -34.73
C SER A 54 -10.18 26.05 -35.87
N ARG A 55 -10.86 27.17 -35.60
CA ARG A 55 -11.60 27.91 -36.62
C ARG A 55 -10.63 28.59 -37.59
N LYS A 56 -9.52 29.17 -37.07
CA LYS A 56 -8.58 29.89 -37.92
C LYS A 56 -7.63 28.99 -38.69
N ASN A 57 -7.05 27.97 -38.03
CA ASN A 57 -6.02 27.13 -38.64
C ASN A 57 -6.31 25.64 -38.84
N GLY A 58 -7.45 25.17 -38.37
CA GLY A 58 -7.81 23.76 -38.43
C GLY A 58 -7.04 22.96 -37.40
N GLY A 59 -7.10 21.65 -37.51
CA GLY A 59 -6.37 20.74 -36.63
C GLY A 59 -4.94 20.59 -37.11
N LEU A 60 -3.99 20.80 -36.19
CA LEU A 60 -2.57 20.79 -36.51
C LEU A 60 -1.83 19.60 -35.95
N THR A 61 -0.84 19.10 -36.69
CA THR A 61 0.07 18.04 -36.27
C THR A 61 1.41 18.80 -36.00
N TYR A 62 2.44 18.09 -35.55
CA TYR A 62 3.74 18.67 -35.25
C TYR A 62 4.43 19.30 -36.47
N ASN A 63 4.33 18.63 -37.65
CA ASN A 63 4.91 19.09 -38.91
C ASN A 63 4.30 20.36 -39.48
N ASP A 64 3.13 20.78 -38.98
CA ASP A 64 2.38 21.96 -39.45
C ASP A 64 2.90 23.30 -39.00
N PHE A 65 3.83 23.32 -38.04
CA PHE A 65 4.38 24.57 -37.50
C PHE A 65 5.82 24.41 -37.04
N LEU A 66 6.44 25.56 -36.71
CA LEU A 66 7.78 25.68 -36.16
C LEU A 66 7.69 26.59 -34.95
N VAL A 67 8.70 26.46 -34.06
CA VAL A 67 8.88 27.33 -32.91
C VAL A 67 9.88 28.40 -33.39
N LEU A 68 9.60 29.67 -33.12
CA LEU A 68 10.51 30.74 -33.53
C LEU A 68 11.65 30.88 -32.52
N PRO A 69 12.90 31.17 -33.00
CA PRO A 69 14.04 31.33 -32.07
C PRO A 69 13.91 32.57 -31.19
N GLY A 70 14.48 32.45 -29.99
CA GLY A 70 14.47 33.52 -29.00
C GLY A 70 15.85 34.09 -28.79
N HIS A 71 16.17 34.42 -27.51
CA HIS A 71 17.44 34.99 -27.12
C HIS A 71 18.29 33.96 -26.36
N ILE A 72 19.55 33.75 -26.74
CA ILE A 72 20.42 32.79 -26.03
C ILE A 72 21.34 33.54 -25.06
N ASN A 73 21.34 33.17 -23.78
CA ASN A 73 22.28 33.77 -22.81
C ASN A 73 22.77 32.71 -21.85
N PHE A 74 22.83 31.47 -22.34
CA PHE A 74 23.26 30.31 -21.56
C PHE A 74 23.74 29.21 -22.52
N PRO A 75 24.67 28.31 -22.08
CA PRO A 75 25.02 27.17 -22.95
C PRO A 75 23.88 26.12 -22.93
N ALA A 76 23.80 25.27 -23.97
CA ALA A 76 22.77 24.21 -24.05
C ALA A 76 22.84 23.23 -22.85
N SER A 77 24.05 23.01 -22.32
CA SER A 77 24.28 22.12 -21.17
C SER A 77 23.58 22.63 -19.88
N ASP A 78 23.20 23.92 -19.83
CA ASP A 78 22.49 24.54 -18.70
C ASP A 78 20.97 24.30 -18.78
N VAL A 79 20.47 23.75 -19.90
CA VAL A 79 19.04 23.50 -20.05
C VAL A 79 18.60 22.31 -19.19
N SER A 80 17.61 22.55 -18.32
CA SER A 80 16.95 21.54 -17.50
C SER A 80 15.80 20.94 -18.31
N LEU A 81 15.78 19.60 -18.41
CA LEU A 81 14.71 18.86 -19.11
C LEU A 81 13.84 18.16 -18.07
N GLN A 82 13.98 18.59 -16.80
CA GLN A 82 13.24 18.03 -15.69
C GLN A 82 11.75 18.33 -15.83
N SER A 83 10.93 17.29 -15.69
CA SER A 83 9.49 17.45 -15.82
C SER A 83 8.70 16.45 -14.98
N LYS A 84 7.39 16.62 -14.94
CA LYS A 84 6.50 15.74 -14.20
C LYS A 84 5.74 14.80 -15.14
N ALA A 85 5.85 13.48 -14.90
CA ALA A 85 5.11 12.48 -15.67
C ALA A 85 3.68 12.45 -15.12
N THR A 86 3.55 12.62 -13.79
CA THR A 86 2.28 12.63 -13.05
C THR A 86 2.41 13.72 -12.01
N LYS A 87 1.34 14.04 -11.26
CA LYS A 87 1.46 15.09 -10.25
C LYS A 87 2.46 14.85 -9.13
N ASN A 88 2.85 13.58 -8.89
CA ASN A 88 3.81 13.19 -7.83
C ASN A 88 5.14 12.63 -8.36
N ILE A 89 5.27 12.39 -9.67
CA ILE A 89 6.50 11.83 -10.22
C ILE A 89 7.22 12.85 -11.06
N VAL A 90 8.45 13.20 -10.62
CA VAL A 90 9.38 14.13 -11.26
C VAL A 90 10.42 13.26 -11.99
N LEU A 91 10.61 13.50 -13.31
CA LEU A 91 11.58 12.80 -14.15
C LEU A 91 12.64 13.79 -14.62
N ASN A 92 13.90 13.34 -14.71
CA ASN A 92 15.00 14.19 -15.20
C ASN A 92 14.95 14.32 -16.73
N THR A 93 14.38 13.31 -17.40
CA THR A 93 14.21 13.18 -18.85
C THR A 93 12.68 13.02 -19.11
N PRO A 94 12.01 13.88 -19.91
CA PRO A 94 10.55 13.73 -20.10
C PRO A 94 10.12 12.59 -21.05
N PHE A 95 10.80 11.44 -20.97
CA PHE A 95 10.53 10.33 -21.88
C PHE A 95 9.94 9.15 -21.19
N LEU A 96 8.80 8.68 -21.71
CA LEU A 96 8.10 7.49 -21.27
C LEU A 96 8.11 6.53 -22.43
N SER A 97 8.39 5.25 -22.19
CA SER A 97 8.30 4.26 -23.26
C SER A 97 6.85 3.77 -23.26
N SER A 98 6.34 3.46 -24.44
CA SER A 98 4.96 3.03 -24.60
C SER A 98 4.72 1.60 -24.06
N PRO A 99 3.54 1.33 -23.42
CA PRO A 99 3.22 -0.04 -23.00
C PRO A 99 2.81 -0.90 -24.21
N MET A 100 3.79 -1.38 -24.95
CA MET A 100 3.58 -2.18 -26.14
C MET A 100 4.50 -3.39 -26.07
N ASP A 101 4.00 -4.56 -26.49
CA ASP A 101 4.74 -5.82 -26.41
C ASP A 101 6.04 -5.91 -27.21
N THR A 102 6.30 -4.91 -28.07
CA THR A 102 7.49 -4.80 -28.91
C THR A 102 8.29 -3.55 -28.51
N VAL A 103 7.96 -2.94 -27.35
CA VAL A 103 8.61 -1.73 -26.84
C VAL A 103 9.06 -1.89 -25.38
N THR A 104 8.10 -2.15 -24.46
CA THR A 104 8.41 -2.20 -23.04
C THR A 104 8.16 -3.46 -22.22
N GLU A 105 9.27 -4.03 -21.77
CA GLU A 105 9.29 -5.09 -20.78
C GLU A 105 10.29 -4.59 -19.74
N ASP A 106 10.76 -5.43 -18.82
CA ASP A 106 11.68 -5.02 -17.75
C ASP A 106 13.02 -4.40 -18.26
N ARG A 107 13.63 -4.98 -19.31
CA ARG A 107 14.89 -4.47 -19.85
C ARG A 107 14.81 -2.98 -20.29
N MET A 108 13.73 -2.61 -21.01
CA MET A 108 13.49 -1.24 -21.45
C MET A 108 13.15 -0.35 -20.23
N ALA A 109 12.29 -0.84 -19.33
CA ALA A 109 11.88 -0.10 -18.14
C ALA A 109 13.08 0.28 -17.29
N ILE A 110 14.05 -0.65 -17.11
CA ILE A 110 15.29 -0.45 -16.35
C ILE A 110 16.20 0.55 -17.06
N ALA A 111 16.53 0.28 -18.34
CA ALA A 111 17.42 1.12 -19.15
C ALA A 111 16.92 2.55 -19.24
N LEU A 112 15.63 2.78 -19.59
CA LEU A 112 15.06 4.13 -19.69
C LEU A 112 15.07 4.88 -18.35
N ALA A 113 14.74 4.17 -17.26
CA ALA A 113 14.76 4.73 -15.88
C ALA A 113 16.15 5.18 -15.53
N LEU A 114 17.18 4.37 -15.89
CA LEU A 114 18.59 4.72 -15.62
C LEU A 114 19.02 6.02 -16.31
N HIS A 115 18.41 6.33 -17.48
CA HIS A 115 18.64 7.53 -18.29
C HIS A 115 17.76 8.73 -17.86
N GLY A 116 16.96 8.52 -16.81
CA GLY A 116 16.10 9.57 -16.27
C GLY A 116 14.67 9.58 -16.76
N GLY A 117 14.30 8.58 -17.56
CA GLY A 117 12.95 8.46 -18.09
C GLY A 117 12.07 7.54 -17.25
N LEU A 118 11.04 6.97 -17.88
CA LEU A 118 10.11 6.07 -17.21
C LEU A 118 9.53 5.05 -18.19
N GLY A 119 9.65 3.77 -17.84
CA GLY A 119 9.10 2.70 -18.64
C GLY A 119 7.70 2.32 -18.18
N ILE A 120 6.80 2.04 -19.14
CA ILE A 120 5.44 1.57 -18.89
C ILE A 120 5.35 0.17 -19.49
N ILE A 121 5.44 -0.85 -18.65
CA ILE A 121 5.39 -2.27 -19.03
C ILE A 121 4.00 -2.64 -19.55
N HIS A 122 3.96 -3.31 -20.72
CA HIS A 122 2.72 -3.77 -21.37
C HIS A 122 1.99 -4.87 -20.56
N HIS A 123 0.71 -5.10 -20.90
CA HIS A 123 -0.14 -6.11 -20.27
C HIS A 123 -0.58 -7.22 -21.23
N ASN A 124 0.17 -7.46 -22.33
CA ASN A 124 -0.18 -8.56 -23.25
C ASN A 124 0.56 -9.82 -22.82
N CYS A 125 0.28 -10.21 -21.57
CA CYS A 125 0.86 -11.33 -20.83
C CYS A 125 -0.04 -11.58 -19.63
N SER A 126 0.19 -12.67 -18.88
CA SER A 126 -0.58 -12.93 -17.67
C SER A 126 -0.22 -11.88 -16.61
N ALA A 127 -1.13 -11.64 -15.65
CA ALA A 127 -0.91 -10.71 -14.56
C ALA A 127 0.37 -11.10 -13.76
N GLU A 128 0.64 -12.43 -13.63
CA GLU A 128 1.80 -13.02 -12.96
C GLU A 128 3.11 -12.64 -13.66
N GLU A 129 3.16 -12.82 -14.99
CA GLU A 129 4.31 -12.47 -15.85
C GLU A 129 4.57 -10.96 -15.77
N GLN A 130 3.50 -10.14 -15.83
CA GLN A 130 3.61 -8.68 -15.76
C GLN A 130 4.17 -8.22 -14.42
N ALA A 131 3.64 -8.79 -13.31
CA ALA A 131 4.10 -8.53 -11.95
C ALA A 131 5.58 -8.94 -11.79
N ALA A 132 6.00 -10.07 -12.39
CA ALA A 132 7.39 -10.52 -12.39
C ALA A 132 8.32 -9.51 -13.11
N MET A 133 7.83 -8.85 -14.19
CA MET A 133 8.60 -7.84 -14.93
C MET A 133 8.76 -6.57 -14.08
N VAL A 134 7.67 -6.11 -13.42
CA VAL A 134 7.64 -4.96 -12.51
C VAL A 134 8.65 -5.18 -11.39
N ARG A 135 8.63 -6.39 -10.78
CA ARG A 135 9.51 -6.80 -9.70
C ARG A 135 11.00 -6.70 -10.07
N ARG A 136 11.38 -7.20 -11.26
CA ARG A 136 12.75 -7.13 -11.79
C ARG A 136 13.24 -5.67 -11.93
N VAL A 137 12.35 -4.73 -12.33
CA VAL A 137 12.69 -3.30 -12.41
C VAL A 137 12.95 -2.76 -10.99
N LYS A 138 12.01 -3.03 -10.07
CA LYS A 138 12.07 -2.59 -8.68
C LYS A 138 13.24 -3.18 -7.89
N LYS A 139 13.65 -4.42 -8.20
CA LYS A 139 14.74 -5.09 -7.49
C LYS A 139 16.13 -4.79 -8.05
N TYR A 140 16.21 -4.29 -9.31
CA TYR A 140 17.47 -3.94 -9.98
C TYR A 140 18.40 -3.09 -9.10
N GLU A 141 19.72 -3.41 -9.09
CA GLU A 141 20.73 -2.67 -8.32
C GLU A 141 22.06 -2.44 -9.08
N ASN A 257 27.82 6.34 -12.55
CA ASN A 257 27.58 5.87 -13.92
C ASN A 257 26.26 6.42 -14.50
N TYR A 258 25.16 6.41 -13.68
CA TYR A 258 23.82 6.89 -14.08
C TYR A 258 23.30 7.97 -13.10
N PRO A 259 23.79 9.23 -13.20
CA PRO A 259 23.36 10.25 -12.22
C PRO A 259 21.97 10.85 -12.45
N TYR A 260 21.42 10.69 -13.66
CA TYR A 260 20.09 11.17 -14.00
C TYR A 260 18.98 10.17 -13.61
N ALA A 261 19.35 8.94 -13.18
CA ALA A 261 18.45 7.83 -12.81
C ALA A 261 17.13 8.20 -12.11
N SER A 262 16.02 7.69 -12.65
CA SER A 262 14.68 7.86 -12.10
C SER A 262 14.52 6.94 -10.90
N LYS A 263 14.94 7.44 -9.73
CA LYS A 263 14.86 6.70 -8.48
C LYS A 263 13.75 7.23 -7.60
N VAL A 264 13.02 6.34 -6.94
CA VAL A 264 11.97 6.71 -6.00
C VAL A 264 12.72 7.35 -4.79
N PRO A 265 12.35 8.57 -4.36
CA PRO A 265 13.11 9.28 -3.30
C PRO A 265 13.48 8.58 -1.98
N GLU A 266 12.52 7.93 -1.31
CA GLU A 266 12.75 7.28 -0.01
C GLU A 266 13.28 5.84 -0.09
N SER A 267 13.28 5.22 -1.29
CA SER A 267 13.73 3.84 -1.47
C SER A 267 15.01 3.66 -2.30
N LYS A 268 15.32 4.64 -3.17
CA LYS A 268 16.47 4.59 -4.10
C LYS A 268 16.32 3.52 -5.22
N GLN A 269 15.13 2.87 -5.31
CA GLN A 269 14.85 1.90 -6.37
C GLN A 269 14.41 2.66 -7.61
N LEU A 270 14.61 2.05 -8.80
CA LEU A 270 14.16 2.63 -10.06
C LEU A 270 12.64 2.70 -10.08
N TYR A 271 12.10 3.80 -10.64
CA TYR A 271 10.65 3.95 -10.85
C TYR A 271 10.21 2.94 -11.90
N CYS A 272 8.97 2.45 -11.75
CA CYS A 272 8.34 1.52 -12.69
C CYS A 272 6.89 1.83 -12.92
N GLY A 273 6.53 1.87 -14.19
CA GLY A 273 5.15 2.05 -14.63
C GLY A 273 4.68 0.79 -15.31
N ALA A 274 3.37 0.64 -15.44
CA ALA A 274 2.76 -0.52 -16.11
C ALA A 274 1.39 -0.13 -16.56
N ALA A 275 0.91 -0.76 -17.65
CA ALA A 275 -0.44 -0.51 -18.15
C ALA A 275 -1.34 -1.67 -17.83
N ILE A 276 -2.65 -1.37 -17.70
CA ILE A 276 -3.74 -2.33 -17.48
C ILE A 276 -4.97 -1.82 -18.27
N GLY A 277 -5.96 -2.68 -18.47
CA GLY A 277 -7.24 -2.31 -19.05
C GLY A 277 -8.16 -1.90 -17.90
N THR A 278 -9.45 -1.72 -18.16
CA THR A 278 -10.38 -1.32 -17.10
C THR A 278 -11.56 -2.31 -16.97
N ARG A 279 -11.27 -3.59 -17.20
CA ARG A 279 -12.24 -4.68 -17.06
C ARG A 279 -12.20 -5.17 -15.61
N PRO A 280 -13.22 -5.90 -15.09
CA PRO A 280 -13.15 -6.34 -13.67
C PRO A 280 -11.88 -7.10 -13.29
N GLY A 281 -11.40 -7.99 -14.17
CA GLY A 281 -10.18 -8.77 -13.95
C GLY A 281 -8.91 -7.94 -13.85
N ASP A 282 -8.96 -6.66 -14.26
CA ASP A 282 -7.80 -5.75 -14.19
C ASP A 282 -7.53 -5.29 -12.77
N LYS A 283 -8.59 -5.30 -11.91
CA LYS A 283 -8.49 -4.98 -10.48
C LYS A 283 -7.52 -5.96 -9.84
N ASP A 284 -7.70 -7.27 -10.10
CA ASP A 284 -6.81 -8.31 -9.59
C ASP A 284 -5.41 -8.21 -10.18
N ARG A 285 -5.30 -7.82 -11.47
CA ARG A 285 -4.00 -7.60 -12.14
C ARG A 285 -3.20 -6.52 -11.39
N LEU A 286 -3.84 -5.35 -11.12
CA LEU A 286 -3.24 -4.22 -10.41
C LEU A 286 -2.76 -4.58 -9.01
N LYS A 287 -3.50 -5.45 -8.30
CA LYS A 287 -3.12 -5.92 -6.97
C LYS A 287 -1.77 -6.66 -7.01
N LEU A 288 -1.55 -7.53 -8.02
CA LEU A 288 -0.29 -8.25 -8.21
C LEU A 288 0.86 -7.27 -8.58
N LEU A 289 0.54 -6.23 -9.34
CA LEU A 289 1.46 -5.19 -9.78
C LEU A 289 1.84 -4.32 -8.59
N ALA A 290 0.84 -3.94 -7.75
CA ALA A 290 1.04 -3.15 -6.51
C ALA A 290 2.01 -3.91 -5.59
N GLU A 291 1.80 -5.24 -5.44
CA GLU A 291 2.60 -6.15 -4.62
C GLU A 291 4.05 -6.16 -5.11
N ALA A 292 4.25 -6.11 -6.45
CA ALA A 292 5.55 -6.10 -7.11
C ALA A 292 6.32 -4.76 -6.97
N GLY A 293 5.67 -3.75 -6.39
CA GLY A 293 6.26 -2.44 -6.13
C GLY A 293 5.94 -1.35 -7.13
N LEU A 294 4.88 -1.51 -7.95
CA LEU A 294 4.45 -0.55 -8.96
C LEU A 294 4.28 0.88 -8.43
N ASP A 295 4.87 1.86 -9.15
CA ASP A 295 4.78 3.27 -8.77
C ASP A 295 3.66 3.98 -9.47
N VAL A 296 3.42 3.64 -10.73
CA VAL A 296 2.42 4.32 -11.54
C VAL A 296 1.76 3.36 -12.50
N VAL A 297 0.46 3.55 -12.67
CA VAL A 297 -0.37 2.73 -13.54
C VAL A 297 -0.94 3.56 -14.68
N VAL A 298 -0.94 2.97 -15.88
CA VAL A 298 -1.53 3.57 -17.07
C VAL A 298 -2.76 2.74 -17.42
N LEU A 299 -3.92 3.43 -17.49
CA LEU A 299 -5.18 2.81 -17.88
C LEU A 299 -5.20 2.85 -19.41
N ASP A 300 -4.96 1.66 -20.01
CA ASP A 300 -4.76 1.45 -21.43
C ASP A 300 -6.04 1.39 -22.24
N SER A 301 -6.28 2.45 -23.06
CA SER A 301 -7.51 2.61 -23.85
C SER A 301 -7.34 3.57 -25.05
N SER A 302 -8.02 3.27 -26.18
CA SER A 302 -8.06 4.15 -27.35
C SER A 302 -8.97 5.37 -27.02
N GLN A 303 -9.93 5.20 -26.07
CA GLN A 303 -10.81 6.26 -25.57
C GLN A 303 -11.17 6.10 -24.10
N GLY A 304 -10.39 6.78 -23.26
CA GLY A 304 -10.54 6.73 -21.82
C GLY A 304 -11.73 7.44 -21.22
N ASN A 305 -12.46 8.26 -22.01
CA ASN A 305 -13.64 8.94 -21.46
C ASN A 305 -14.86 8.02 -21.45
N SER A 306 -14.83 7.02 -20.55
CA SER A 306 -15.91 6.06 -20.39
C SER A 306 -16.22 5.96 -18.93
N VAL A 307 -17.43 5.50 -18.60
CA VAL A 307 -17.90 5.26 -17.23
C VAL A 307 -17.05 4.13 -16.62
N TYR A 308 -16.55 3.21 -17.46
CA TYR A 308 -15.71 2.07 -17.04
C TYR A 308 -14.37 2.55 -16.50
N GLN A 309 -13.71 3.49 -17.23
CA GLN A 309 -12.44 4.05 -16.79
C GLN A 309 -12.65 5.03 -15.62
N ILE A 310 -13.68 5.89 -15.68
CA ILE A 310 -13.97 6.86 -14.62
C ILE A 310 -14.15 6.15 -13.27
N GLU A 311 -14.96 5.07 -13.27
CA GLU A 311 -15.17 4.27 -12.08
C GLU A 311 -13.88 3.54 -11.66
N PHE A 312 -13.08 3.02 -12.63
CA PHE A 312 -11.82 2.33 -12.33
C PHE A 312 -10.79 3.27 -11.66
N ILE A 313 -10.72 4.56 -12.10
CA ILE A 313 -9.84 5.59 -11.51
C ILE A 313 -10.22 5.75 -10.04
N LYS A 314 -11.52 5.99 -9.75
CA LYS A 314 -12.03 6.13 -8.38
C LYS A 314 -11.67 4.91 -7.54
N TRP A 315 -11.74 3.69 -8.15
CA TRP A 315 -11.39 2.44 -7.47
C TRP A 315 -9.91 2.43 -7.04
N ILE A 316 -8.98 2.83 -7.94
CA ILE A 316 -7.54 2.90 -7.65
C ILE A 316 -7.25 3.96 -6.59
N LYS A 317 -7.85 5.15 -6.72
CA LYS A 317 -7.67 6.25 -5.75
C LYS A 317 -8.02 5.85 -4.31
N GLN A 318 -9.02 4.96 -4.17
CA GLN A 318 -9.44 4.45 -2.86
C GLN A 318 -8.63 3.22 -2.41
N THR A 319 -8.29 2.30 -3.33
CA THR A 319 -7.54 1.08 -3.00
C THR A 319 -6.06 1.37 -2.79
N TYR A 320 -5.43 1.99 -3.79
CA TYR A 320 -4.01 2.32 -3.80
C TYR A 320 -3.78 3.84 -3.99
N PRO A 321 -4.05 4.68 -2.95
CA PRO A 321 -3.84 6.14 -3.10
C PRO A 321 -2.42 6.57 -3.51
N LYS A 322 -1.41 5.73 -3.25
CA LYS A 322 0.01 6.03 -3.51
C LYS A 322 0.50 5.61 -4.89
N ILE A 323 -0.31 4.85 -5.66
CA ILE A 323 0.08 4.48 -7.02
C ILE A 323 -0.56 5.53 -7.93
N ASP A 324 0.27 6.36 -8.59
CA ASP A 324 -0.22 7.39 -9.51
C ASP A 324 -0.97 6.82 -10.70
N VAL A 325 -2.07 7.48 -11.08
CA VAL A 325 -2.89 7.02 -12.20
C VAL A 325 -2.70 7.89 -13.40
N ILE A 326 -2.29 7.29 -14.54
CA ILE A 326 -2.25 8.00 -15.82
C ILE A 326 -3.49 7.48 -16.55
N ALA A 327 -4.44 8.38 -16.79
CA ALA A 327 -5.70 8.07 -17.45
C ALA A 327 -5.67 8.55 -18.91
N GLY A 328 -6.45 7.87 -19.76
CA GLY A 328 -6.56 8.17 -21.19
C GLY A 328 -6.84 6.92 -22.01
N ASN A 329 -6.70 6.99 -23.34
CA ASN A 329 -6.27 8.17 -24.11
C ASN A 329 -7.36 9.19 -24.33
N VAL A 330 -6.95 10.47 -24.36
CA VAL A 330 -7.85 11.62 -24.54
C VAL A 330 -7.28 12.58 -25.56
N VAL A 331 -8.17 13.29 -26.30
CA VAL A 331 -7.77 14.31 -27.30
C VAL A 331 -8.58 15.60 -27.14
N THR A 332 -9.67 15.56 -26.33
CA THR A 332 -10.47 16.77 -26.13
C THR A 332 -10.44 17.26 -24.67
N ARG A 333 -10.70 18.56 -24.49
CA ARG A 333 -10.85 19.22 -23.20
C ARG A 333 -12.01 18.57 -22.38
N GLU A 334 -13.14 18.24 -23.05
CA GLU A 334 -14.33 17.62 -22.42
C GLU A 334 -14.02 16.26 -21.85
N GLN A 335 -13.23 15.43 -22.57
CA GLN A 335 -12.79 14.10 -22.10
C GLN A 335 -11.84 14.28 -20.89
N ALA A 336 -10.83 15.19 -21.02
CA ALA A 336 -9.85 15.51 -19.98
C ALA A 336 -10.55 15.89 -18.67
N ALA A 337 -11.58 16.77 -18.73
CA ALA A 337 -12.33 17.22 -17.56
C ALA A 337 -12.91 16.03 -16.78
N GLN A 338 -13.46 15.02 -17.47
CA GLN A 338 -14.03 13.83 -16.84
C GLN A 338 -12.99 13.05 -16.05
N LEU A 339 -11.83 12.83 -16.67
CA LEU A 339 -10.77 12.05 -16.05
C LEU A 339 -10.05 12.81 -14.92
N ILE A 340 -9.96 14.15 -15.05
CA ILE A 340 -9.38 14.99 -14.00
C ILE A 340 -10.31 14.92 -12.77
N ALA A 341 -11.63 15.05 -12.98
CA ALA A 341 -12.63 15.00 -11.89
C ALA A 341 -12.67 13.65 -11.19
N ALA A 342 -12.39 12.55 -11.94
CA ALA A 342 -12.35 11.18 -11.43
C ALA A 342 -11.15 10.96 -10.48
N GLY A 343 -10.08 11.75 -10.65
CA GLY A 343 -8.88 11.66 -9.83
C GLY A 343 -7.59 11.28 -10.54
N ALA A 344 -7.54 11.43 -11.89
CA ALA A 344 -6.31 11.13 -12.65
C ALA A 344 -5.15 11.99 -12.18
N ASP A 345 -3.94 11.40 -12.08
CA ASP A 345 -2.72 12.11 -11.69
C ASP A 345 -1.93 12.62 -12.91
N GLY A 346 -2.24 12.06 -14.07
CA GLY A 346 -1.65 12.40 -15.36
C GLY A 346 -2.60 12.01 -16.47
N LEU A 347 -2.45 12.65 -17.65
CA LEU A 347 -3.28 12.36 -18.81
C LEU A 347 -2.46 11.88 -19.97
N ARG A 348 -2.88 10.79 -20.60
CA ARG A 348 -2.20 10.24 -21.78
C ARG A 348 -3.00 10.79 -22.99
N ILE A 349 -2.36 11.60 -23.83
CA ILE A 349 -3.00 12.26 -24.97
C ILE A 349 -2.64 11.63 -26.33
N GLY A 350 -3.67 11.34 -27.12
CA GLY A 350 -3.50 10.80 -28.46
C GLY A 350 -4.60 9.85 -28.89
N MET A 351 -5.08 10.03 -30.12
CA MET A 351 -6.07 9.19 -30.75
C MET A 351 -5.89 9.28 -32.27
N GLY A 352 -5.23 8.26 -32.82
CA GLY A 352 -4.96 8.18 -34.25
C GLY A 352 -3.61 8.68 -34.67
N SER A 353 -2.78 9.15 -33.72
CA SER A 353 -1.45 9.72 -33.97
C SER A 353 -0.30 8.70 -34.10
N GLY A 354 -0.48 7.51 -33.53
CA GLY A 354 0.53 6.45 -33.53
C GLY A 354 1.02 6.03 -34.90
N SER A 355 2.33 5.77 -35.02
CA SER A 355 2.96 5.33 -36.27
C SER A 355 2.38 4.02 -36.84
N ILE A 356 1.90 3.13 -35.96
CA ILE A 356 1.32 1.82 -36.32
C ILE A 356 -0.20 1.85 -36.34
N CYS A 357 -0.77 3.03 -36.22
CA CYS A 357 -2.20 3.29 -36.21
C CYS A 357 -2.73 3.17 -37.64
N ILE A 358 -3.84 2.38 -37.84
CA ILE A 358 -4.55 2.15 -39.12
C ILE A 358 -4.68 3.49 -39.88
N THR A 359 -4.39 3.53 -41.22
CA THR A 359 -4.46 4.76 -42.02
C THR A 359 -5.65 5.64 -41.62
N GLN A 360 -5.39 6.92 -41.29
CA GLN A 360 -6.39 7.90 -40.84
C GLN A 360 -7.50 8.16 -41.85
N GLU A 361 -7.30 7.74 -43.11
CA GLU A 361 -8.33 7.85 -44.15
C GLU A 361 -9.39 6.77 -43.87
N VAL A 362 -9.03 5.76 -43.02
CA VAL A 362 -9.90 4.64 -42.61
C VAL A 362 -10.55 4.92 -41.22
N MET A 363 -9.92 5.79 -40.42
CA MET A 363 -10.36 6.21 -39.08
C MET A 363 -11.46 7.28 -39.18
N ALA A 364 -12.45 7.28 -38.26
CA ALA A 364 -13.48 8.31 -38.24
C ALA A 364 -13.36 9.25 -37.06
N VAL A 365 -12.90 8.72 -35.92
CA VAL A 365 -12.78 9.42 -34.66
C VAL A 365 -11.32 9.52 -34.23
N GLY A 366 -10.93 10.74 -33.88
CA GLY A 366 -9.59 11.07 -33.40
C GLY A 366 -9.35 12.56 -33.49
N ARG A 367 -8.08 12.95 -33.48
CA ARG A 367 -7.69 14.35 -33.57
C ARG A 367 -6.25 14.50 -34.00
N PRO A 368 -5.89 15.52 -34.83
CA PRO A 368 -4.47 15.80 -35.11
C PRO A 368 -3.74 16.08 -33.76
N GLN A 369 -2.59 15.42 -33.58
CA GLN A 369 -1.81 15.40 -32.33
C GLN A 369 -1.44 16.73 -31.69
N GLY A 370 -0.99 17.72 -32.49
CA GLY A 370 -0.63 19.03 -32.00
C GLY A 370 -1.80 19.72 -31.29
N THR A 371 -2.97 19.82 -31.98
CA THR A 371 -4.20 20.40 -31.44
C THR A 371 -4.67 19.63 -30.19
N ALA A 372 -4.63 18.27 -30.24
CA ALA A 372 -4.97 17.39 -29.10
C ALA A 372 -4.12 17.75 -27.88
N VAL A 373 -2.76 17.82 -28.06
CA VAL A 373 -1.79 18.13 -27.00
C VAL A 373 -2.08 19.52 -26.43
N TYR A 374 -2.28 20.50 -27.30
CA TYR A 374 -2.57 21.85 -26.85
C TYR A 374 -3.86 21.96 -26.05
N ALA A 375 -4.98 21.52 -26.65
CA ALA A 375 -6.32 21.64 -26.09
C ALA A 375 -6.44 20.99 -24.71
N VAL A 376 -5.90 19.77 -24.57
CA VAL A 376 -5.94 19.04 -23.31
C VAL A 376 -5.04 19.71 -22.25
N ALA A 377 -3.78 20.03 -22.58
CA ALA A 377 -2.85 20.63 -21.61
C ALA A 377 -3.26 22.06 -21.20
N GLU A 378 -3.94 22.81 -22.10
CA GLU A 378 -4.43 24.17 -21.81
C GLU A 378 -5.40 24.09 -20.61
N PHE A 379 -6.25 23.05 -20.61
CA PHE A 379 -7.22 22.81 -19.58
C PHE A 379 -6.57 22.16 -18.34
N ALA A 380 -5.88 21.02 -18.53
CA ALA A 380 -5.26 20.21 -17.46
C ALA A 380 -4.26 20.98 -16.58
N SER A 381 -3.46 21.86 -17.20
CA SER A 381 -2.46 22.69 -16.50
C SER A 381 -3.12 23.60 -15.44
N ARG A 382 -4.42 23.93 -15.61
CA ARG A 382 -5.17 24.75 -14.63
C ARG A 382 -5.37 24.02 -13.32
N PHE A 383 -5.28 22.67 -13.34
CA PHE A 383 -5.48 21.80 -12.17
C PHE A 383 -4.17 21.14 -11.72
N GLY A 384 -3.08 21.45 -12.40
CA GLY A 384 -1.76 20.89 -12.13
C GLY A 384 -1.64 19.43 -12.55
N ILE A 385 -2.41 19.02 -13.58
CA ILE A 385 -2.36 17.63 -14.04
C ILE A 385 -1.45 17.52 -15.25
N PRO A 386 -0.25 16.88 -15.11
CA PRO A 386 0.66 16.77 -16.27
C PRO A 386 0.05 15.97 -17.41
N CYS A 387 0.47 16.32 -18.62
CA CYS A 387 -0.03 15.71 -19.84
C CYS A 387 1.07 15.01 -20.60
N ILE A 388 0.80 13.79 -21.05
CA ILE A 388 1.75 13.01 -21.82
C ILE A 388 1.35 12.98 -23.30
N ALA A 389 2.20 13.57 -24.16
CA ALA A 389 2.00 13.58 -25.61
C ALA A 389 2.37 12.19 -26.14
N ASP A 390 1.36 11.40 -26.43
CA ASP A 390 1.53 10.02 -26.86
C ASP A 390 1.14 9.78 -28.33
N GLY A 391 2.10 9.30 -29.12
CA GLY A 391 1.90 8.99 -30.53
C GLY A 391 2.47 10.04 -31.46
N GLY A 392 3.09 9.59 -32.55
CA GLY A 392 3.62 10.48 -33.58
C GLY A 392 4.90 11.22 -33.26
N ILE A 393 5.71 10.72 -32.31
CA ILE A 393 7.01 11.29 -31.97
C ILE A 393 8.02 10.48 -32.79
N GLY A 394 8.54 11.10 -33.85
CA GLY A 394 9.49 10.41 -34.73
C GLY A 394 10.89 10.97 -34.71
N ASN A 395 11.10 12.10 -34.01
CA ASN A 395 12.38 12.82 -33.95
C ASN A 395 12.37 13.84 -32.80
N ILE A 396 13.54 14.46 -32.50
CA ILE A 396 13.72 15.48 -31.45
C ILE A 396 12.76 16.68 -31.60
N GLY A 397 12.58 17.15 -32.84
CA GLY A 397 11.70 18.25 -33.17
C GLY A 397 10.29 18.03 -32.66
N HIS A 398 9.77 16.79 -32.85
CA HIS A 398 8.45 16.39 -32.36
C HIS A 398 8.35 16.52 -30.85
N ILE A 399 9.40 16.06 -30.14
CA ILE A 399 9.50 16.14 -28.67
C ILE A 399 9.42 17.61 -28.22
N ALA A 400 10.26 18.51 -28.82
CA ALA A 400 10.35 19.93 -28.48
C ALA A 400 9.02 20.64 -28.68
N LYS A 401 8.37 20.35 -29.82
CA LYS A 401 7.07 20.87 -30.19
C LYS A 401 5.96 20.38 -29.26
N ALA A 402 5.93 19.08 -28.91
CA ALA A 402 4.92 18.53 -27.98
C ALA A 402 5.00 19.26 -26.61
N LEU A 403 6.24 19.42 -26.08
CA LEU A 403 6.51 20.13 -24.83
C LEU A 403 6.14 21.62 -24.93
N ALA A 404 6.51 22.28 -26.06
CA ALA A 404 6.21 23.69 -26.34
C ALA A 404 4.68 23.96 -26.37
N LEU A 405 3.89 22.95 -26.78
CA LEU A 405 2.41 22.99 -26.83
C LEU A 405 1.76 22.87 -25.46
N GLY A 406 2.51 22.43 -24.45
CA GLY A 406 1.99 22.31 -23.09
C GLY A 406 2.16 20.95 -22.45
N ALA A 407 2.68 19.98 -23.21
CA ALA A 407 2.89 18.63 -22.67
C ALA A 407 4.01 18.67 -21.64
N SER A 408 3.88 17.86 -20.60
CA SER A 408 4.93 17.78 -19.60
C SER A 408 5.88 16.65 -19.93
N ALA A 409 5.49 15.73 -20.84
CA ALA A 409 6.32 14.58 -21.20
C ALA A 409 5.78 13.99 -22.47
N VAL A 410 6.56 13.09 -23.06
CA VAL A 410 6.24 12.43 -24.32
C VAL A 410 6.31 10.93 -24.11
N MET A 411 5.53 10.18 -24.89
CA MET A 411 5.53 8.74 -24.86
C MET A 411 5.94 8.26 -26.24
N MET A 412 6.89 7.30 -26.29
CA MET A 412 7.41 6.79 -27.54
C MET A 412 7.23 5.29 -27.70
N GLY A 413 6.68 4.90 -28.83
CA GLY A 413 6.54 3.51 -29.24
C GLY A 413 7.57 3.25 -30.32
N GLY A 414 7.31 3.79 -31.52
CA GLY A 414 8.17 3.67 -32.70
C GLY A 414 9.62 4.04 -32.51
N LEU A 415 9.88 5.21 -31.88
CA LEU A 415 11.25 5.69 -31.64
C LEU A 415 12.09 4.74 -30.77
N LEU A 416 11.44 3.99 -29.85
CA LEU A 416 12.12 3.05 -28.95
C LEU A 416 12.09 1.57 -29.39
N ALA A 417 11.28 1.24 -30.42
CA ALA A 417 11.20 -0.10 -31.01
C ALA A 417 12.48 -0.33 -31.85
N GLY A 418 12.91 -1.58 -31.99
CA GLY A 418 14.12 -1.91 -32.74
C GLY A 418 15.42 -1.72 -31.97
N THR A 419 15.33 -1.21 -30.73
CA THR A 419 16.47 -1.00 -29.85
C THR A 419 16.79 -2.33 -29.15
N THR A 420 18.01 -2.47 -28.64
CA THR A 420 18.47 -3.67 -27.95
C THR A 420 17.63 -4.01 -26.70
N GLU A 421 17.21 -2.96 -25.96
CA GLU A 421 16.44 -3.04 -24.72
C GLU A 421 14.96 -3.35 -24.91
N SER A 422 14.45 -3.18 -26.13
CA SER A 422 13.06 -3.48 -26.48
C SER A 422 12.85 -5.02 -26.50
N PRO A 423 11.62 -5.55 -26.23
CA PRO A 423 11.42 -6.99 -26.32
C PRO A 423 11.28 -7.49 -27.75
N GLY A 424 11.45 -8.80 -27.92
CA GLY A 424 11.38 -9.44 -29.21
C GLY A 424 12.76 -9.66 -29.79
N GLU A 425 12.89 -10.70 -30.64
CA GLU A 425 14.16 -11.05 -31.26
C GLU A 425 14.45 -10.27 -32.54
N TYR A 426 15.75 -10.04 -32.81
CA TYR A 426 16.20 -9.44 -34.05
C TYR A 426 16.14 -10.53 -35.11
N PHE A 427 15.83 -10.15 -36.34
CA PHE A 427 15.77 -11.07 -37.48
C PHE A 427 16.13 -10.31 -38.74
N TYR A 428 16.50 -11.05 -39.79
CA TYR A 428 16.86 -10.39 -41.04
C TYR A 428 15.74 -10.43 -42.05
N HIS A 429 15.52 -9.28 -42.69
CA HIS A 429 14.49 -9.08 -43.69
C HIS A 429 15.16 -8.38 -44.87
N GLU A 430 15.51 -9.17 -45.89
CA GLU A 430 16.18 -8.75 -47.13
C GLU A 430 17.45 -7.93 -46.89
N GLY A 431 18.32 -8.46 -46.04
CA GLY A 431 19.60 -7.86 -45.70
C GLY A 431 19.61 -6.95 -44.49
N LYS A 432 18.42 -6.51 -44.06
CA LYS A 432 18.27 -5.59 -42.95
C LYS A 432 17.98 -6.30 -41.63
N ARG A 433 18.72 -5.91 -40.56
CA ARG A 433 18.50 -6.43 -39.20
C ARG A 433 17.30 -5.62 -38.65
N VAL A 434 16.22 -6.35 -38.34
CA VAL A 434 14.97 -5.74 -37.87
C VAL A 434 14.36 -6.46 -36.67
N LYS A 435 13.38 -5.78 -36.06
CA LYS A 435 12.53 -6.29 -35.00
C LYS A 435 11.09 -6.02 -35.45
N VAL A 436 10.13 -6.81 -34.98
CA VAL A 436 8.73 -6.54 -35.23
C VAL A 436 8.37 -5.29 -34.37
N TYR A 437 7.55 -4.39 -34.93
CA TYR A 437 6.92 -3.29 -34.22
C TYR A 437 5.47 -3.31 -34.65
N ARG A 438 4.56 -3.39 -33.68
CA ARG A 438 3.14 -3.52 -33.99
C ARG A 438 2.24 -2.77 -33.04
N GLY A 439 1.08 -2.37 -33.55
CA GLY A 439 0.05 -1.74 -32.73
C GLY A 439 -0.57 -2.79 -31.84
N MET A 440 -1.05 -2.37 -30.66
CA MET A 440 -1.68 -3.30 -29.72
C MET A 440 -3.09 -3.68 -30.18
N GLY A 441 -3.64 -2.92 -31.13
CA GLY A 441 -4.93 -3.20 -31.74
C GLY A 441 -4.78 -3.95 -33.06
N SER A 442 -3.55 -4.42 -33.37
CA SER A 442 -3.33 -5.19 -34.59
C SER A 442 -3.89 -6.59 -34.36
N ILE A 443 -4.23 -7.32 -35.43
CA ILE A 443 -4.73 -8.69 -35.32
C ILE A 443 -3.71 -9.57 -34.56
N GLU A 444 -2.40 -9.41 -34.87
CA GLU A 444 -1.29 -10.17 -34.27
C GLU A 444 -1.12 -9.95 -32.76
N ALA A 445 -1.27 -8.69 -32.27
CA ALA A 445 -1.16 -8.40 -30.83
C ALA A 445 -2.40 -8.92 -30.08
N MET A 446 -3.62 -8.71 -30.64
CA MET A 446 -4.90 -9.16 -30.07
C MET A 446 -4.96 -10.70 -29.94
N GLU A 447 -4.34 -11.43 -30.89
CA GLU A 447 -4.27 -12.90 -30.90
C GLU A 447 -3.41 -13.52 -29.78
N HIS A 448 -3.35 -12.84 -28.60
CA HIS A 448 -2.67 -13.22 -27.34
C HIS A 448 -1.28 -13.87 -27.45
N THR A 449 -0.47 -13.48 -28.46
CA THR A 449 0.88 -14.04 -28.61
C THR A 449 1.90 -12.94 -28.90
N GLY A 462 0.20 1.15 -42.37
CA GLY A 462 -0.52 2.01 -41.43
C GLY A 462 0.11 3.39 -41.29
N LEU A 463 0.28 4.09 -42.43
CA LEU A 463 0.85 5.43 -42.57
C LEU A 463 2.34 5.57 -42.19
N ASP A 464 2.71 6.55 -41.32
CA ASP A 464 4.07 6.85 -40.88
C ASP A 464 4.71 5.63 -40.19
N ASN A 465 5.71 4.97 -40.80
CA ASN A 465 6.33 3.78 -40.21
C ASN A 465 7.67 3.45 -40.84
N ALA A 466 8.58 2.85 -40.06
CA ALA A 466 9.88 2.41 -40.55
C ALA A 466 9.74 1.05 -41.26
N ALA A 467 10.76 0.67 -42.07
CA ALA A 467 10.88 -0.55 -42.88
C ALA A 467 9.59 -1.02 -43.61
N THR A 468 8.87 -2.02 -43.07
CA THR A 468 7.66 -2.56 -43.71
C THR A 468 6.45 -2.61 -42.76
N ALA A 469 5.26 -2.96 -43.32
CA ALA A 469 3.96 -3.11 -42.64
C ALA A 469 2.95 -3.84 -43.54
N ARG A 470 1.91 -4.41 -42.91
CA ARG A 470 0.79 -5.07 -43.59
C ARG A 470 -0.50 -4.36 -43.16
N TYR A 471 -1.36 -4.06 -44.14
CA TYR A 471 -2.63 -3.40 -43.90
C TYR A 471 -3.81 -4.36 -43.72
N PHE A 472 -3.90 -4.94 -42.51
CA PHE A 472 -4.94 -5.87 -42.06
C PHE A 472 -6.14 -5.01 -41.63
N SER A 473 -7.37 -5.55 -41.71
CA SER A 473 -8.57 -4.81 -41.31
C SER A 473 -9.48 -5.61 -40.38
N GLU A 474 -9.46 -6.95 -40.52
CA GLU A 474 -10.29 -7.92 -39.78
C GLU A 474 -9.68 -9.34 -39.88
N ALA A 475 -9.93 -10.17 -38.85
CA ALA A 475 -9.51 -11.58 -38.76
C ALA A 475 -10.76 -12.39 -38.44
N ASP A 476 -11.58 -11.82 -37.55
CA ASP A 476 -12.88 -12.28 -37.11
C ASP A 476 -13.79 -11.06 -37.34
N ALA A 477 -15.03 -11.26 -37.84
CA ALA A 477 -15.98 -10.17 -38.12
C ALA A 477 -16.20 -9.26 -36.89
N VAL A 478 -16.10 -9.86 -35.68
CA VAL A 478 -16.19 -9.20 -34.38
C VAL A 478 -14.87 -8.46 -34.10
N LYS A 479 -13.71 -9.02 -34.55
CA LYS A 479 -12.36 -8.42 -34.38
C LYS A 479 -12.02 -7.39 -35.46
N VAL A 480 -12.21 -6.11 -35.13
CA VAL A 480 -11.87 -5.00 -36.02
C VAL A 480 -10.45 -4.49 -35.69
N ALA A 481 -9.50 -4.60 -36.65
CA ALA A 481 -8.10 -4.16 -36.46
C ALA A 481 -8.06 -2.67 -36.25
N GLN A 482 -7.30 -2.22 -35.25
CA GLN A 482 -7.16 -0.80 -34.94
C GLN A 482 -5.75 -0.28 -35.18
N GLY A 483 -4.84 -1.20 -35.44
CA GLY A 483 -3.45 -0.93 -35.74
C GLY A 483 -2.85 -2.00 -36.64
N VAL A 484 -1.60 -1.79 -37.05
CA VAL A 484 -0.86 -2.67 -37.97
C VAL A 484 0.37 -3.35 -37.34
N SER A 485 0.80 -4.46 -37.95
CA SER A 485 2.02 -5.16 -37.57
C SER A 485 3.03 -5.04 -38.71
N GLY A 486 4.23 -4.58 -38.39
CA GLY A 486 5.33 -4.44 -39.33
C GLY A 486 6.67 -4.65 -38.65
N ASP A 487 7.73 -4.15 -39.26
CA ASP A 487 9.06 -4.28 -38.67
C ASP A 487 9.80 -2.96 -38.74
N VAL A 488 10.75 -2.76 -37.81
CA VAL A 488 11.58 -1.56 -37.73
C VAL A 488 13.05 -1.94 -37.77
N ALA A 489 13.86 -1.09 -38.39
CA ALA A 489 15.30 -1.30 -38.50
C ALA A 489 15.97 -1.21 -37.13
N ASP A 490 17.08 -1.95 -36.95
CA ASP A 490 17.90 -1.96 -35.73
C ASP A 490 18.33 -0.51 -35.40
N LYS A 491 18.02 -0.04 -34.18
CA LYS A 491 18.35 1.33 -33.76
C LYS A 491 19.57 1.38 -32.81
N GLY A 492 20.09 0.20 -32.46
CA GLY A 492 21.18 0.06 -31.50
C GLY A 492 20.66 0.13 -30.08
N SER A 493 21.55 0.41 -29.12
CA SER A 493 21.13 0.52 -27.72
C SER A 493 20.56 1.90 -27.43
N ILE A 494 19.67 2.01 -26.42
CA ILE A 494 19.12 3.29 -25.99
C ILE A 494 20.23 4.10 -25.24
N ASN A 495 21.31 3.41 -24.78
CA ASN A 495 22.47 3.97 -24.10
C ASN A 495 23.19 5.02 -24.95
N LYS A 496 23.08 4.90 -26.27
CA LYS A 496 23.67 5.82 -27.23
C LYS A 496 22.57 6.77 -27.76
N PHE A 497 21.37 6.23 -27.96
CA PHE A 497 20.19 6.89 -28.49
C PHE A 497 19.52 7.95 -27.58
N VAL A 498 19.23 7.59 -26.32
CA VAL A 498 18.63 8.50 -25.32
C VAL A 498 19.54 9.74 -25.04
N PRO A 499 20.88 9.61 -24.84
CA PRO A 499 21.71 10.81 -24.69
C PRO A 499 21.67 11.72 -25.93
N TYR A 500 21.56 11.13 -27.15
CA TYR A 500 21.39 11.88 -28.40
C TYR A 500 20.09 12.72 -28.34
N LEU A 501 18.96 12.09 -27.97
CA LEU A 501 17.65 12.76 -27.84
C LEU A 501 17.69 13.88 -26.80
N PHE A 502 18.35 13.61 -25.64
CA PHE A 502 18.53 14.53 -24.52
C PHE A 502 19.29 15.78 -24.95
N THR A 503 20.46 15.60 -25.61
CA THR A 503 21.34 16.68 -26.09
C THR A 503 20.62 17.54 -27.13
N GLY A 504 19.98 16.87 -28.09
CA GLY A 504 19.23 17.51 -29.16
C GLY A 504 18.12 18.38 -28.62
N LEU A 505 17.40 17.88 -27.58
CA LEU A 505 16.31 18.60 -26.95
C LEU A 505 16.82 19.83 -26.18
N GLN A 506 17.99 19.74 -25.51
CA GLN A 506 18.63 20.88 -24.82
C GLN A 506 18.96 21.95 -25.85
N HIS A 507 19.53 21.55 -27.00
CA HIS A 507 19.84 22.45 -28.10
C HIS A 507 18.61 23.14 -28.68
N SER A 508 17.46 22.42 -28.82
CA SER A 508 16.19 22.98 -29.34
C SER A 508 15.65 24.07 -28.40
N LEU A 509 15.60 23.79 -27.10
CA LEU A 509 15.13 24.72 -26.06
C LEU A 509 16.07 25.95 -25.99
N GLN A 510 17.39 25.71 -26.15
CA GLN A 510 18.34 26.81 -26.18
C GLN A 510 18.02 27.76 -27.36
N ASP A 511 17.75 27.22 -28.55
CA ASP A 511 17.40 28.01 -29.74
C ASP A 511 16.15 28.85 -29.54
N ALA A 512 15.18 28.32 -28.79
CA ALA A 512 13.95 29.03 -28.49
C ALA A 512 14.15 30.08 -27.37
N ALA A 513 15.37 30.08 -26.72
CA ALA A 513 15.74 30.94 -25.58
C ALA A 513 15.19 30.46 -24.28
N ILE A 514 15.04 29.14 -24.16
CA ILE A 514 14.40 28.54 -23.01
C ILE A 514 15.38 27.66 -22.24
N LYS A 515 15.43 27.81 -20.91
CA LYS A 515 16.33 27.10 -19.99
C LYS A 515 15.69 25.88 -19.25
N SER A 516 14.35 25.80 -19.22
CA SER A 516 13.65 24.69 -18.54
C SER A 516 12.25 24.46 -19.14
N VAL A 517 11.63 23.30 -18.84
CA VAL A 517 10.28 22.94 -19.32
C VAL A 517 9.24 23.91 -18.70
N SER A 518 9.43 24.25 -17.43
CA SER A 518 8.61 25.20 -16.68
C SER A 518 8.59 26.57 -17.40
N GLU A 519 9.78 27.09 -17.80
CA GLU A 519 9.93 28.35 -18.53
C GLU A 519 9.32 28.25 -19.95
N LEU A 520 9.53 27.10 -20.62
CA LEU A 520 8.93 26.82 -21.91
C LEU A 520 7.41 27.03 -21.86
N HIS A 521 6.74 26.47 -20.81
CA HIS A 521 5.30 26.56 -20.64
C HIS A 521 4.82 27.96 -20.31
N SER A 522 5.54 28.62 -19.41
CA SER A 522 5.29 29.97 -18.93
C SER A 522 5.34 30.95 -20.11
N CYS A 523 6.37 30.81 -20.98
CA CYS A 523 6.58 31.64 -22.18
C CYS A 523 5.57 31.32 -23.28
N ALA A 524 5.14 30.06 -23.37
CA ALA A 524 4.11 29.65 -24.31
C ALA A 524 2.75 30.31 -23.95
N ARG A 525 2.40 30.37 -22.65
CA ARG A 525 1.14 30.98 -22.16
C ARG A 525 1.19 32.52 -22.19
N SER A 526 2.37 33.13 -21.96
CA SER A 526 2.49 34.58 -21.92
C SER A 526 2.51 35.23 -23.32
N GLY A 527 2.90 34.45 -24.33
CA GLY A 527 3.00 34.91 -25.69
C GLY A 527 4.42 35.31 -26.07
N SER A 528 5.36 35.13 -25.14
CA SER A 528 6.78 35.44 -25.34
C SER A 528 7.38 34.39 -26.32
N LEU A 529 6.97 33.12 -26.18
CA LEU A 529 7.41 32.05 -27.07
C LEU A 529 6.51 32.10 -28.30
N ARG A 530 7.14 32.25 -29.50
CA ARG A 530 6.39 32.44 -30.74
C ARG A 530 6.49 31.28 -31.69
N PHE A 531 5.49 31.19 -32.56
CA PHE A 531 5.33 30.12 -33.50
C PHE A 531 5.01 30.63 -34.89
N GLU A 532 5.17 29.74 -35.87
CA GLU A 532 4.86 30.03 -37.24
C GLU A 532 4.32 28.79 -37.90
N LEU A 533 3.16 28.92 -38.59
CA LEU A 533 2.57 27.82 -39.37
C LEU A 533 3.42 27.60 -40.60
N ARG A 534 3.50 26.36 -41.07
CA ARG A 534 4.24 26.06 -42.30
C ARG A 534 3.22 25.55 -43.32
N THR A 535 3.23 26.12 -44.55
CA THR A 535 2.35 25.66 -45.64
C THR A 535 2.93 24.32 -46.16
N ALA A 536 2.29 23.69 -47.16
CA ALA A 536 2.79 22.45 -47.78
C ALA A 536 4.27 22.61 -48.24
N SER A 537 4.61 23.71 -48.97
CA SER A 537 5.97 23.99 -49.45
C SER A 537 6.85 24.70 -48.43
N THR B 16 8.94 -48.76 42.50
CA THR B 16 7.69 -48.54 43.23
C THR B 16 7.26 -47.06 43.13
N ASN B 17 8.10 -46.11 43.59
CA ASN B 17 7.77 -44.69 43.54
C ASN B 17 8.21 -44.09 42.19
N PRO B 18 7.24 -43.68 41.33
CA PRO B 18 7.63 -43.09 40.03
C PRO B 18 8.10 -41.62 40.11
N ASN B 19 8.00 -40.98 41.30
CA ASN B 19 8.36 -39.58 41.51
C ASN B 19 9.70 -39.35 42.19
N ALA B 20 10.27 -40.40 42.78
CA ALA B 20 11.54 -40.31 43.50
C ALA B 20 12.32 -41.61 43.39
N PRO B 21 13.67 -41.57 43.47
CA PRO B 21 14.43 -42.84 43.45
C PRO B 21 14.29 -43.52 44.80
N PRO B 22 14.78 -44.78 45.01
CA PRO B 22 14.67 -45.38 46.35
C PRO B 22 15.38 -44.50 47.40
N ARG B 23 14.87 -44.52 48.63
CA ARG B 23 15.46 -43.76 49.74
C ARG B 23 16.81 -44.35 50.14
N PRO B 24 17.84 -43.52 50.46
CA PRO B 24 19.15 -44.09 50.83
C PRO B 24 19.13 -44.81 52.18
N ASP B 25 20.08 -45.76 52.36
CA ASP B 25 20.20 -46.56 53.59
C ASP B 25 20.67 -45.70 54.77
N SER B 26 21.57 -44.75 54.49
CA SER B 26 22.13 -43.80 55.46
C SER B 26 22.10 -42.39 54.87
N LEU B 27 22.24 -41.34 55.70
CA LEU B 27 22.22 -39.93 55.27
C LEU B 27 23.25 -39.63 54.21
N LEU B 28 22.82 -38.83 53.25
CA LEU B 28 23.66 -38.42 52.12
C LEU B 28 24.36 -37.14 52.48
N ASN B 29 25.44 -36.83 51.78
CA ASN B 29 26.20 -35.62 52.03
C ASN B 29 25.53 -34.44 51.36
N PRO B 30 25.23 -33.34 52.10
CA PRO B 30 24.60 -32.16 51.47
C PRO B 30 25.35 -31.55 50.28
N SER B 31 26.68 -31.75 50.22
CA SER B 31 27.50 -31.24 49.11
C SER B 31 27.24 -32.03 47.80
N ASP B 32 26.61 -33.21 47.90
CA ASP B 32 26.23 -34.08 46.77
C ASP B 32 24.76 -33.87 46.36
N ALA B 33 24.05 -32.89 46.98
CA ALA B 33 22.63 -32.61 46.68
C ALA B 33 22.32 -32.44 45.21
N LEU B 34 23.19 -31.71 44.47
CA LEU B 34 22.97 -31.45 43.04
C LEU B 34 23.16 -32.70 42.17
N LYS B 35 24.09 -33.58 42.58
CA LYS B 35 24.35 -34.86 41.91
C LYS B 35 23.14 -35.79 42.13
N HIS B 36 22.62 -35.87 43.37
CA HIS B 36 21.47 -36.72 43.73
C HIS B 36 20.19 -36.26 43.06
N LEU B 37 20.06 -34.95 42.82
CA LEU B 37 18.91 -34.38 42.15
C LEU B 37 18.75 -34.97 40.74
N GLU B 38 19.88 -35.27 40.06
CA GLU B 38 19.91 -35.86 38.72
C GLU B 38 19.54 -37.35 38.69
N GLU B 39 19.39 -37.98 39.87
CA GLU B 39 19.00 -39.40 39.99
C GLU B 39 17.48 -39.57 39.98
N TYR B 40 16.73 -38.45 40.13
CA TYR B 40 15.28 -38.45 40.15
C TYR B 40 14.69 -38.83 38.79
N PRO B 41 13.60 -39.63 38.79
CA PRO B 41 13.00 -40.07 37.50
C PRO B 41 12.30 -39.02 36.66
N ARG B 42 11.99 -37.87 37.28
CA ARG B 42 11.28 -36.75 36.65
C ARG B 42 11.47 -35.47 37.49
N GLY B 43 11.21 -34.33 36.88
CA GLY B 43 11.26 -33.04 37.55
C GLY B 43 10.11 -32.90 38.53
N ASP B 44 10.28 -32.02 39.53
CA ASP B 44 9.25 -31.77 40.55
C ASP B 44 8.10 -31.04 39.89
N GLY B 45 6.86 -31.36 40.27
CA GLY B 45 5.68 -30.79 39.66
C GLY B 45 5.43 -31.36 38.28
N LEU B 46 4.77 -30.57 37.42
CA LEU B 46 4.38 -31.00 36.08
C LEU B 46 5.05 -30.23 35.00
N SER B 47 5.24 -30.86 33.83
CA SER B 47 5.71 -30.20 32.62
C SER B 47 4.45 -29.53 32.06
N LEU B 48 4.59 -28.57 31.16
CA LEU B 48 3.46 -27.91 30.49
C LEU B 48 2.59 -28.94 29.72
N GLN B 49 3.24 -29.93 29.08
CA GLN B 49 2.57 -30.99 28.32
C GLN B 49 1.71 -31.88 29.24
N GLU B 50 2.18 -32.13 30.48
CA GLU B 50 1.47 -32.93 31.48
C GLU B 50 0.29 -32.15 32.05
N LEU B 51 0.48 -30.85 32.30
CA LEU B 51 -0.57 -29.99 32.85
C LEU B 51 -1.76 -29.88 31.88
N MET B 52 -1.45 -29.58 30.60
CA MET B 52 -2.42 -29.33 29.56
C MET B 52 -2.88 -30.59 28.80
N ASP B 53 -3.26 -31.61 29.56
CA ASP B 53 -3.78 -32.88 29.06
C ASP B 53 -5.28 -32.92 29.39
N SER B 54 -6.13 -32.81 28.34
CA SER B 54 -7.60 -32.79 28.41
C SER B 54 -8.20 -34.02 29.04
N ARG B 55 -7.65 -35.20 28.73
CA ARG B 55 -8.10 -36.46 29.31
C ARG B 55 -7.72 -36.54 30.79
N LYS B 56 -6.49 -36.11 31.13
CA LYS B 56 -6.02 -36.21 32.51
C LYS B 56 -6.55 -35.13 33.44
N ASN B 57 -6.56 -33.86 33.00
CA ASN B 57 -6.92 -32.73 33.86
C ASN B 57 -8.15 -31.91 33.48
N GLY B 58 -8.78 -32.22 32.35
CA GLY B 58 -9.92 -31.45 31.87
C GLY B 58 -9.47 -30.13 31.28
N GLY B 59 -10.42 -29.25 31.01
CA GLY B 59 -10.15 -27.93 30.49
C GLY B 59 -9.79 -27.00 31.63
N LEU B 60 -8.65 -26.30 31.49
CA LEU B 60 -8.13 -25.43 32.53
C LEU B 60 -8.21 -23.96 32.22
N THR B 61 -8.45 -23.13 33.23
CA THR B 61 -8.44 -21.66 33.14
C THR B 61 -7.11 -21.27 33.86
N TYR B 62 -6.80 -19.98 33.92
CA TYR B 62 -5.59 -19.47 34.56
C TYR B 62 -5.53 -19.76 36.08
N ASN B 63 -6.66 -19.63 36.78
CA ASN B 63 -6.79 -19.88 38.21
C ASN B 63 -6.58 -21.32 38.63
N ASP B 64 -6.64 -22.27 37.67
CA ASP B 64 -6.50 -23.72 37.91
C ASP B 64 -5.10 -24.23 38.18
N PHE B 65 -4.08 -23.41 37.95
CA PHE B 65 -2.68 -23.80 38.14
C PHE B 65 -1.79 -22.64 38.54
N LEU B 66 -0.55 -22.97 38.91
CA LEU B 66 0.52 -22.06 39.26
C LEU B 66 1.76 -22.46 38.45
N VAL B 67 2.67 -21.50 38.30
CA VAL B 67 3.98 -21.73 37.70
C VAL B 67 4.91 -21.95 38.91
N LEU B 68 5.75 -22.98 38.85
CA LEU B 68 6.70 -23.24 39.94
C LEU B 68 7.93 -22.34 39.81
N PRO B 69 8.48 -21.84 40.96
CA PRO B 69 9.70 -21.00 40.89
C PRO B 69 10.94 -21.76 40.43
N GLY B 70 11.80 -21.02 39.72
CA GLY B 70 13.06 -21.54 39.19
C GLY B 70 14.26 -20.99 39.94
N HIS B 71 15.34 -20.69 39.21
CA HIS B 71 16.58 -20.17 39.76
C HIS B 71 16.76 -18.70 39.37
N ILE B 72 17.06 -17.80 40.33
CA ILE B 72 17.26 -16.39 40.02
C ILE B 72 18.76 -16.08 39.96
N ASN B 73 19.24 -15.49 38.86
CA ASN B 73 20.64 -15.07 38.75
C ASN B 73 20.73 -13.78 38.00
N PHE B 74 19.69 -12.95 38.14
CA PHE B 74 19.57 -11.66 37.48
C PHE B 74 18.55 -10.78 38.23
N PRO B 75 18.67 -9.43 38.19
CA PRO B 75 17.61 -8.61 38.80
C PRO B 75 16.36 -8.59 37.90
N ALA B 76 15.17 -8.29 38.46
CA ALA B 76 13.92 -8.23 37.69
C ALA B 76 13.99 -7.19 36.54
N SER B 77 14.75 -6.10 36.75
CA SER B 77 14.93 -5.06 35.75
C SER B 77 15.64 -5.54 34.46
N ASP B 78 16.32 -6.71 34.52
CA ASP B 78 17.00 -7.34 33.39
C ASP B 78 16.04 -8.20 32.54
N VAL B 79 14.79 -8.40 33.01
CA VAL B 79 13.83 -9.19 32.26
C VAL B 79 13.31 -8.43 31.04
N SER B 80 13.45 -9.05 29.85
CA SER B 80 12.91 -8.55 28.59
C SER B 80 11.47 -9.07 28.45
N LEU B 81 10.53 -8.16 28.18
CA LEU B 81 9.12 -8.49 27.96
C LEU B 81 8.79 -8.31 26.47
N GLN B 82 9.85 -8.21 25.66
CA GLN B 82 9.74 -8.02 24.22
C GLN B 82 9.10 -9.24 23.58
N SER B 83 8.08 -9.01 22.74
CA SER B 83 7.37 -10.09 22.07
C SER B 83 6.78 -9.69 20.74
N LYS B 84 6.24 -10.66 20.02
CA LYS B 84 5.63 -10.43 18.72
C LYS B 84 4.13 -10.47 18.82
N ALA B 85 3.45 -9.42 18.36
CA ALA B 85 1.99 -9.37 18.31
C ALA B 85 1.55 -10.16 17.07
N THR B 86 2.34 -10.03 15.98
CA THR B 86 2.11 -10.70 14.68
C THR B 86 3.49 -11.15 14.20
N LYS B 87 3.57 -11.89 13.09
CA LYS B 87 4.87 -12.32 12.61
C LYS B 87 5.86 -11.21 12.21
N ASN B 88 5.36 -9.99 11.92
CA ASN B 88 6.18 -8.84 11.54
C ASN B 88 6.19 -7.68 12.57
N ILE B 89 5.37 -7.75 13.61
CA ILE B 89 5.31 -6.68 14.61
C ILE B 89 5.88 -7.14 15.93
N VAL B 90 6.98 -6.46 16.35
CA VAL B 90 7.70 -6.68 17.61
C VAL B 90 7.24 -5.56 18.56
N LEU B 91 6.76 -5.93 19.77
CA LEU B 91 6.33 -4.99 20.81
C LEU B 91 7.25 -5.11 22.02
N ASN B 92 7.53 -4.00 22.69
CA ASN B 92 8.37 -4.00 23.90
C ASN B 92 7.59 -4.50 25.11
N THR B 93 6.26 -4.31 25.08
CA THR B 93 5.27 -4.71 26.10
C THR B 93 4.25 -5.64 25.41
N PRO B 94 4.03 -6.90 25.87
CA PRO B 94 3.09 -7.79 25.15
C PRO B 94 1.59 -7.49 25.38
N PHE B 95 1.22 -6.20 25.42
CA PHE B 95 -0.14 -5.81 25.74
C PHE B 95 -0.85 -5.18 24.56
N LEU B 96 -2.01 -5.72 24.23
CA LEU B 96 -2.90 -5.22 23.18
C LEU B 96 -4.17 -4.81 23.89
N SER B 97 -4.74 -3.66 23.52
CA SER B 97 -6.03 -3.26 24.08
C SER B 97 -7.09 -3.86 23.15
N SER B 98 -8.21 -4.27 23.73
CA SER B 98 -9.28 -4.90 22.99
C SER B 98 -10.03 -3.91 22.08
N PRO B 99 -10.45 -4.33 20.84
CA PRO B 99 -11.27 -3.45 20.00
C PRO B 99 -12.72 -3.40 20.51
N MET B 100 -12.94 -2.59 21.53
CA MET B 100 -14.25 -2.44 22.16
C MET B 100 -14.52 -0.96 22.33
N ASP B 101 -15.78 -0.55 22.10
CA ASP B 101 -16.20 0.86 22.14
C ASP B 101 -16.04 1.58 23.48
N THR B 102 -15.74 0.83 24.54
CA THR B 102 -15.53 1.32 25.91
C THR B 102 -14.08 1.06 26.35
N VAL B 103 -13.20 0.67 25.39
CA VAL B 103 -11.79 0.36 25.66
C VAL B 103 -10.85 1.12 24.71
N THR B 104 -10.99 0.90 23.38
CA THR B 104 -10.07 1.48 22.40
C THR B 104 -10.57 2.42 21.32
N GLU B 105 -10.13 3.66 21.43
CA GLU B 105 -10.26 4.67 20.39
C GLU B 105 -8.84 5.22 20.26
N ASP B 106 -8.64 6.36 19.60
CA ASP B 106 -7.30 6.92 19.38
C ASP B 106 -6.50 7.24 20.66
N ARG B 107 -7.15 7.80 21.70
CA ARG B 107 -6.49 8.13 22.96
C ARG B 107 -5.80 6.90 23.62
N MET B 108 -6.51 5.76 23.67
CA MET B 108 -5.99 4.51 24.21
C MET B 108 -4.90 3.95 23.29
N ALA B 109 -5.14 3.95 21.97
CA ALA B 109 -4.19 3.44 20.97
C ALA B 109 -2.86 4.17 21.06
N ILE B 110 -2.88 5.52 21.24
CA ILE B 110 -1.69 6.36 21.39
C ILE B 110 -0.97 6.07 22.71
N ALA B 111 -1.69 6.17 23.85
CA ALA B 111 -1.16 5.95 25.20
C ALA B 111 -0.55 4.55 25.37
N LEU B 112 -1.22 3.49 24.91
CA LEU B 112 -0.68 2.13 25.02
C LEU B 112 0.57 1.92 24.16
N ALA B 113 0.57 2.50 22.95
CA ALA B 113 1.72 2.45 22.01
C ALA B 113 2.91 3.16 22.60
N LEU B 114 2.69 4.28 23.31
CA LEU B 114 3.75 5.05 23.95
C LEU B 114 4.41 4.24 25.06
N HIS B 115 3.65 3.32 25.70
CA HIS B 115 4.09 2.43 26.78
C HIS B 115 4.67 1.10 26.28
N GLY B 116 4.77 0.92 24.97
CA GLY B 116 5.34 -0.29 24.38
C GLY B 116 4.34 -1.32 23.91
N GLY B 117 3.05 -1.01 24.03
CA GLY B 117 1.98 -1.90 23.62
C GLY B 117 1.34 -1.56 22.27
N LEU B 118 0.13 -2.10 22.03
CA LEU B 118 -0.56 -1.91 20.77
C LEU B 118 -2.06 -1.79 20.95
N GLY B 119 -2.63 -0.72 20.44
CA GLY B 119 -4.06 -0.50 20.50
C GLY B 119 -4.76 -1.02 19.26
N ILE B 120 -5.95 -1.65 19.45
CA ILE B 120 -6.80 -2.15 18.36
C ILE B 120 -8.10 -1.36 18.45
N ILE B 121 -8.25 -0.36 17.59
CA ILE B 121 -9.42 0.53 17.52
C ILE B 121 -10.65 -0.24 17.07
N HIS B 122 -11.76 -0.07 17.79
CA HIS B 122 -13.05 -0.70 17.52
C HIS B 122 -13.70 -0.21 16.20
N HIS B 123 -14.69 -0.96 15.72
CA HIS B 123 -15.43 -0.65 14.49
C HIS B 123 -16.92 -0.37 14.73
N ASN B 124 -17.31 0.03 15.96
CA ASN B 124 -18.72 0.36 16.23
C ASN B 124 -18.93 1.85 15.99
N CYS B 125 -18.64 2.24 14.75
CA CYS B 125 -18.66 3.61 14.23
C CYS B 125 -18.59 3.48 12.70
N SER B 126 -18.77 4.60 11.98
CA SER B 126 -18.65 4.57 10.52
C SER B 126 -17.20 4.31 10.15
N ALA B 127 -16.98 3.78 8.93
CA ALA B 127 -15.63 3.51 8.41
C ALA B 127 -14.80 4.83 8.39
N GLU B 128 -15.46 5.98 8.12
CA GLU B 128 -14.86 7.33 8.09
C GLU B 128 -14.35 7.75 9.48
N GLU B 129 -15.18 7.59 10.52
CA GLU B 129 -14.85 7.88 11.92
C GLU B 129 -13.69 7.01 12.37
N GLN B 130 -13.72 5.70 12.01
CA GLN B 130 -12.68 4.74 12.38
C GLN B 130 -11.34 5.11 11.74
N ALA B 131 -11.36 5.44 10.43
CA ALA B 131 -10.20 5.89 9.66
C ALA B 131 -9.63 7.19 10.26
N ALA B 132 -10.49 8.11 10.71
CA ALA B 132 -10.08 9.36 11.36
C ALA B 132 -9.36 9.08 12.71
N MET B 133 -9.77 8.03 13.44
CA MET B 133 -9.13 7.63 14.70
C MET B 133 -7.75 7.04 14.45
N VAL B 134 -7.64 6.15 13.42
CA VAL B 134 -6.38 5.52 12.96
C VAL B 134 -5.38 6.62 12.58
N ARG B 135 -5.87 7.64 11.84
CA ARG B 135 -5.09 8.78 11.37
C ARG B 135 -4.50 9.59 12.54
N ARG B 136 -5.30 9.89 13.59
CA ARG B 136 -4.86 10.59 14.80
C ARG B 136 -3.71 9.86 15.51
N VAL B 137 -3.75 8.50 15.53
CA VAL B 137 -2.67 7.67 16.13
C VAL B 137 -1.41 7.82 15.28
N LYS B 138 -1.55 7.60 13.95
CA LYS B 138 -0.45 7.67 12.99
C LYS B 138 0.21 9.04 12.88
N LYS B 139 -0.57 10.12 13.06
CA LYS B 139 -0.06 11.49 12.95
C LYS B 139 0.52 12.05 14.23
N TYR B 140 0.18 11.45 15.41
CA TYR B 140 0.68 11.86 16.72
C TYR B 140 2.21 12.06 16.74
N GLU B 141 2.67 13.16 17.39
CA GLU B 141 4.10 13.48 17.53
C GLU B 141 4.51 14.00 18.92
N ASN B 257 9.31 11.14 29.09
CA ASN B 257 9.69 10.56 27.81
C ASN B 257 9.18 9.10 27.67
N TYR B 258 9.13 8.61 26.43
CA TYR B 258 8.61 7.27 26.12
C TYR B 258 9.64 6.42 25.34
N PRO B 259 10.66 5.83 26.02
CA PRO B 259 11.67 5.05 25.28
C PRO B 259 11.25 3.65 24.84
N TYR B 260 10.19 3.11 25.44
CA TYR B 260 9.64 1.80 25.09
C TYR B 260 8.63 1.88 23.93
N ALA B 261 8.28 3.12 23.46
CA ALA B 261 7.31 3.41 22.40
C ALA B 261 7.28 2.46 21.19
N SER B 262 6.09 1.96 20.85
CA SER B 262 5.85 1.06 19.71
C SER B 262 5.82 1.87 18.42
N LYS B 263 7.00 2.11 17.87
CA LYS B 263 7.18 2.89 16.64
C LYS B 263 7.46 1.99 15.47
N VAL B 264 6.86 2.31 14.30
CA VAL B 264 7.10 1.58 13.06
C VAL B 264 8.57 1.92 12.67
N PRO B 265 9.43 0.89 12.42
CA PRO B 265 10.87 1.15 12.18
C PRO B 265 11.34 2.21 11.16
N GLU B 266 10.78 2.21 9.94
CA GLU B 266 11.19 3.13 8.88
C GLU B 266 10.46 4.49 8.87
N SER B 267 9.41 4.64 9.70
CA SER B 267 8.63 5.88 9.75
C SER B 267 8.70 6.65 11.07
N LYS B 268 9.01 5.95 12.18
CA LYS B 268 9.05 6.50 13.54
C LYS B 268 7.65 6.90 14.09
N GLN B 269 6.58 6.57 13.35
CA GLN B 269 5.19 6.83 13.79
C GLN B 269 4.77 5.69 14.72
N LEU B 270 3.82 5.96 15.61
CA LEU B 270 3.27 4.94 16.51
C LEU B 270 2.52 3.90 15.70
N TYR B 271 2.65 2.63 16.10
CA TYR B 271 1.91 1.52 15.50
C TYR B 271 0.44 1.70 15.83
N CYS B 272 -0.43 1.28 14.89
CA CYS B 272 -1.88 1.30 15.07
C CYS B 272 -2.55 0.07 14.51
N GLY B 273 -3.41 -0.51 15.33
CA GLY B 273 -4.24 -1.65 14.96
C GLY B 273 -5.69 -1.22 14.92
N ALA B 274 -6.52 -2.00 14.24
CA ALA B 274 -7.97 -1.74 14.16
C ALA B 274 -8.66 -3.01 13.84
N ALA B 275 -9.93 -3.15 14.29
CA ALA B 275 -10.72 -4.33 14.00
C ALA B 275 -11.76 -4.01 12.97
N ILE B 276 -12.16 -5.06 12.22
CA ILE B 276 -13.21 -5.02 11.20
C ILE B 276 -13.91 -6.39 11.23
N GLY B 277 -15.10 -6.47 10.65
CA GLY B 277 -15.82 -7.72 10.46
C GLY B 277 -15.38 -8.33 9.14
N THR B 278 -16.04 -9.41 8.67
CA THR B 278 -15.66 -10.04 7.39
C THR B 278 -16.84 -10.06 6.39
N ARG B 279 -17.68 -9.01 6.43
CA ARG B 279 -18.80 -8.81 5.53
C ARG B 279 -18.30 -8.08 4.27
N PRO B 280 -19.01 -8.11 3.10
CA PRO B 280 -18.50 -7.40 1.91
C PRO B 280 -18.14 -5.92 2.13
N GLY B 281 -18.96 -5.19 2.91
CA GLY B 281 -18.75 -3.79 3.24
C GLY B 281 -17.48 -3.51 4.04
N ASP B 282 -16.93 -4.56 4.66
CA ASP B 282 -15.70 -4.49 5.45
C ASP B 282 -14.44 -4.33 4.56
N LYS B 283 -14.51 -4.79 3.29
CA LYS B 283 -13.44 -4.63 2.30
C LYS B 283 -13.20 -3.13 2.08
N ASP B 284 -14.29 -2.36 1.91
CA ASP B 284 -14.23 -0.91 1.75
C ASP B 284 -13.81 -0.16 3.02
N ARG B 285 -14.21 -0.68 4.22
CA ARG B 285 -13.81 -0.13 5.52
C ARG B 285 -12.27 -0.20 5.63
N LEU B 286 -11.68 -1.39 5.34
CA LEU B 286 -10.23 -1.63 5.40
C LEU B 286 -9.46 -0.72 4.47
N LYS B 287 -9.99 -0.40 3.29
CA LYS B 287 -9.37 0.51 2.32
C LYS B 287 -9.19 1.91 2.92
N LEU B 288 -10.22 2.43 3.64
CA LEU B 288 -10.16 3.73 4.32
C LEU B 288 -9.14 3.69 5.50
N LEU B 289 -9.03 2.55 6.17
CA LEU B 289 -8.14 2.30 7.29
C LEU B 289 -6.71 2.21 6.77
N ALA B 290 -6.49 1.50 5.65
CA ALA B 290 -5.19 1.36 4.97
C ALA B 290 -4.67 2.76 4.58
N GLU B 291 -5.57 3.60 4.03
CA GLU B 291 -5.30 4.98 3.59
C GLU B 291 -4.84 5.82 4.79
N ALA B 292 -5.46 5.58 5.98
CA ALA B 292 -5.16 6.28 7.24
C ALA B 292 -3.81 5.87 7.88
N GLY B 293 -3.14 4.86 7.30
CA GLY B 293 -1.85 4.37 7.74
C GLY B 293 -1.87 3.14 8.64
N LEU B 294 -2.96 2.35 8.63
CA LEU B 294 -3.11 1.13 9.45
C LEU B 294 -1.97 0.14 9.27
N ASP B 295 -1.43 -0.35 10.41
CA ASP B 295 -0.34 -1.33 10.39
C ASP B 295 -0.83 -2.76 10.49
N VAL B 296 -1.88 -2.97 11.27
CA VAL B 296 -2.40 -4.30 11.53
C VAL B 296 -3.90 -4.28 11.69
N VAL B 297 -4.54 -5.31 11.14
CA VAL B 297 -5.99 -5.47 11.17
C VAL B 297 -6.37 -6.71 11.95
N VAL B 298 -7.42 -6.59 12.76
CA VAL B 298 -8.00 -7.69 13.53
C VAL B 298 -9.35 -8.00 12.90
N LEU B 299 -9.53 -9.26 12.49
CA LEU B 299 -10.79 -9.75 11.94
C LEU B 299 -11.64 -10.15 13.16
N ASP B 300 -12.63 -9.31 13.48
CA ASP B 300 -13.46 -9.36 14.65
C ASP B 300 -14.59 -10.36 14.57
N SER B 301 -14.49 -11.48 15.34
CA SER B 301 -15.46 -12.57 15.31
C SER B 301 -15.41 -13.44 16.59
N SER B 302 -16.58 -13.96 17.03
CA SER B 302 -16.68 -14.89 18.17
C SER B 302 -16.17 -16.28 17.69
N GLN B 303 -16.23 -16.52 16.37
CA GLN B 303 -15.72 -17.72 15.74
C GLN B 303 -15.20 -17.50 14.34
N GLY B 304 -13.89 -17.32 14.23
CA GLY B 304 -13.19 -17.01 12.99
C GLY B 304 -12.98 -18.16 12.03
N ASN B 305 -13.24 -19.42 12.45
CA ASN B 305 -13.09 -20.54 11.52
C ASN B 305 -14.30 -20.69 10.60
N SER B 306 -14.48 -19.71 9.71
CA SER B 306 -15.54 -19.74 8.71
C SER B 306 -14.93 -19.51 7.35
N VAL B 307 -15.66 -19.86 6.29
CA VAL B 307 -15.28 -19.67 4.88
C VAL B 307 -15.24 -18.16 4.60
N TYR B 308 -16.06 -17.37 5.32
CA TYR B 308 -16.16 -15.91 5.18
C TYR B 308 -14.86 -15.24 5.63
N GLN B 309 -14.33 -15.65 6.79
CA GLN B 309 -13.06 -15.12 7.29
C GLN B 309 -11.87 -15.66 6.49
N ILE B 310 -11.87 -16.97 6.17
CA ILE B 310 -10.78 -17.60 5.40
C ILE B 310 -10.59 -16.88 4.06
N GLU B 311 -11.70 -16.63 3.34
CA GLU B 311 -11.66 -15.91 2.09
C GLU B 311 -11.26 -14.45 2.30
N PHE B 312 -11.74 -13.79 3.37
CA PHE B 312 -11.37 -12.40 3.69
C PHE B 312 -9.86 -12.23 3.97
N ILE B 313 -9.24 -13.21 4.67
CA ILE B 313 -7.78 -13.23 4.95
C ILE B 313 -7.04 -13.23 3.61
N LYS B 314 -7.38 -14.19 2.71
CA LYS B 314 -6.78 -14.29 1.38
C LYS B 314 -6.93 -12.98 0.61
N TRP B 315 -8.10 -12.30 0.76
CA TRP B 315 -8.36 -11.01 0.12
C TRP B 315 -7.37 -9.93 0.60
N ILE B 316 -7.15 -9.83 1.93
CA ILE B 316 -6.20 -8.87 2.53
C ILE B 316 -4.78 -9.18 2.10
N LYS B 317 -4.38 -10.47 2.16
CA LYS B 317 -3.02 -10.90 1.76
C LYS B 317 -2.66 -10.48 0.32
N GLN B 318 -3.66 -10.45 -0.58
CA GLN B 318 -3.47 -10.05 -1.94
C GLN B 318 -3.61 -8.53 -2.15
N THR B 319 -4.55 -7.87 -1.46
CA THR B 319 -4.80 -6.43 -1.59
C THR B 319 -3.73 -5.62 -0.85
N TYR B 320 -3.57 -5.89 0.44
CA TYR B 320 -2.64 -5.21 1.32
C TYR B 320 -1.63 -6.19 1.97
N PRO B 321 -0.64 -6.72 1.20
CA PRO B 321 0.34 -7.66 1.79
C PRO B 321 1.11 -7.14 3.02
N LYS B 322 1.21 -5.81 3.19
CA LYS B 322 1.98 -5.16 4.25
C LYS B 322 1.19 -4.88 5.51
N ILE B 323 -0.15 -5.04 5.47
CA ILE B 323 -0.97 -4.85 6.68
C ILE B 323 -1.10 -6.24 7.30
N ASP B 324 -0.51 -6.46 8.49
CA ASP B 324 -0.60 -7.74 9.19
C ASP B 324 -2.02 -8.10 9.58
N VAL B 325 -2.36 -9.40 9.43
CA VAL B 325 -3.70 -9.86 9.75
C VAL B 325 -3.69 -10.67 11.01
N ILE B 326 -4.51 -10.25 12.00
CA ILE B 326 -4.75 -11.04 13.20
C ILE B 326 -6.13 -11.64 12.97
N ALA B 327 -6.17 -12.98 12.83
CA ALA B 327 -7.37 -13.75 12.59
C ALA B 327 -7.87 -14.43 13.88
N GLY B 328 -9.17 -14.67 13.96
CA GLY B 328 -9.84 -15.28 15.08
C GLY B 328 -11.26 -14.79 15.29
N ASN B 329 -11.91 -15.08 16.42
CA ASN B 329 -11.35 -15.82 17.56
C ASN B 329 -11.35 -17.31 17.38
N VAL B 330 -10.31 -17.94 17.90
CA VAL B 330 -10.11 -19.40 17.87
C VAL B 330 -9.79 -19.94 19.24
N VAL B 331 -10.18 -21.22 19.48
CA VAL B 331 -9.88 -21.94 20.72
C VAL B 331 -9.31 -23.34 20.46
N THR B 332 -9.46 -23.85 19.22
CA THR B 332 -8.94 -25.19 18.91
C THR B 332 -7.80 -25.16 17.90
N ARG B 333 -6.97 -26.22 17.92
CA ARG B 333 -5.89 -26.48 16.98
C ARG B 333 -6.44 -26.59 15.52
N GLU B 334 -7.61 -27.26 15.34
CA GLU B 334 -8.27 -27.44 14.04
C GLU B 334 -8.69 -26.12 13.42
N GLN B 335 -9.23 -25.19 14.22
CA GLN B 335 -9.62 -23.84 13.77
C GLN B 335 -8.35 -23.05 13.37
N ALA B 336 -7.31 -23.07 14.27
CA ALA B 336 -6.02 -22.39 14.06
C ALA B 336 -5.40 -22.82 12.74
N ALA B 337 -5.37 -24.14 12.43
CA ALA B 337 -4.81 -24.66 11.19
C ALA B 337 -5.44 -24.01 9.95
N GLN B 338 -6.77 -23.80 9.95
CA GLN B 338 -7.49 -23.17 8.83
C GLN B 338 -7.03 -21.75 8.60
N LEU B 339 -6.92 -20.98 9.69
CA LEU B 339 -6.54 -19.57 9.61
C LEU B 339 -5.06 -19.37 9.30
N ILE B 340 -4.20 -20.30 9.76
CA ILE B 340 -2.77 -20.27 9.47
C ILE B 340 -2.59 -20.52 7.97
N ALA B 341 -3.30 -21.54 7.42
CA ALA B 341 -3.23 -21.89 5.98
C ALA B 341 -3.76 -20.78 5.09
N ALA B 342 -4.75 -19.99 5.58
CA ALA B 342 -5.34 -18.86 4.85
C ALA B 342 -4.36 -17.69 4.72
N GLY B 343 -3.39 -17.59 5.64
CA GLY B 343 -2.38 -16.53 5.64
C GLY B 343 -2.36 -15.60 6.84
N ALA B 344 -2.99 -16.00 7.96
CA ALA B 344 -3.00 -15.16 9.18
C ALA B 344 -1.59 -14.91 9.68
N ASP B 345 -1.30 -13.67 10.14
CA ASP B 345 0.01 -13.27 10.68
C ASP B 345 0.05 -13.41 12.21
N GLY B 346 -1.12 -13.50 12.82
CA GLY B 346 -1.32 -13.67 14.25
C GLY B 346 -2.67 -14.30 14.50
N LEU B 347 -2.84 -14.94 15.68
CA LEU B 347 -4.11 -15.56 16.06
C LEU B 347 -4.65 -14.96 17.33
N ARG B 348 -5.95 -14.61 17.33
CA ARG B 348 -6.61 -14.06 18.51
C ARG B 348 -7.34 -15.27 19.14
N ILE B 349 -6.94 -15.64 20.37
CA ILE B 349 -7.48 -16.81 21.09
C ILE B 349 -8.47 -16.45 22.19
N GLY B 350 -9.63 -17.11 22.17
CA GLY B 350 -10.64 -16.94 23.20
C GLY B 350 -12.06 -17.08 22.70
N MET B 351 -12.87 -17.84 23.44
CA MET B 351 -14.27 -18.03 23.18
C MET B 351 -14.99 -18.33 24.50
N GLY B 352 -15.64 -17.31 25.05
CA GLY B 352 -16.36 -17.42 26.31
C GLY B 352 -15.56 -17.01 27.55
N SER B 353 -14.32 -16.57 27.37
CA SER B 353 -13.40 -16.17 28.46
C SER B 353 -13.56 -14.71 28.94
N GLY B 354 -14.10 -13.84 28.11
CA GLY B 354 -14.29 -12.42 28.41
C GLY B 354 -15.11 -12.13 29.65
N SER B 355 -14.69 -11.13 30.44
CA SER B 355 -15.36 -10.70 31.68
C SER B 355 -16.83 -10.29 31.47
N ILE B 356 -17.15 -9.75 30.29
CA ILE B 356 -18.49 -9.27 29.89
C ILE B 356 -19.25 -10.30 29.06
N CYS B 357 -18.68 -11.48 28.92
CA CYS B 357 -19.25 -12.59 28.20
C CYS B 357 -20.44 -13.10 29.01
N ILE B 358 -21.60 -13.43 28.37
CA ILE B 358 -22.81 -13.95 29.08
C ILE B 358 -22.41 -15.13 29.99
N THR B 359 -23.08 -15.28 31.16
CA THR B 359 -22.83 -16.37 32.13
C THR B 359 -22.66 -17.70 31.37
N GLN B 360 -21.45 -18.31 31.42
CA GLN B 360 -21.15 -19.55 30.71
C GLN B 360 -22.00 -20.78 31.03
N GLU B 361 -23.00 -20.62 31.92
CA GLU B 361 -24.00 -21.67 32.19
C GLU B 361 -24.98 -21.59 31.02
N VAL B 362 -25.07 -20.41 30.37
CA VAL B 362 -25.93 -20.08 29.22
C VAL B 362 -25.24 -20.42 27.88
N MET B 363 -23.90 -20.43 27.85
CA MET B 363 -23.12 -20.72 26.64
C MET B 363 -22.95 -22.21 26.37
N ALA B 364 -23.02 -22.63 25.08
CA ALA B 364 -22.85 -24.05 24.75
C ALA B 364 -21.49 -24.35 24.14
N VAL B 365 -20.97 -23.40 23.35
CA VAL B 365 -19.74 -23.52 22.58
C VAL B 365 -18.69 -22.53 23.10
N GLY B 366 -17.51 -23.07 23.37
CA GLY B 366 -16.36 -22.31 23.84
C GLY B 366 -15.29 -23.24 24.35
N ARG B 367 -14.36 -22.67 25.14
CA ARG B 367 -13.29 -23.44 25.76
C ARG B 367 -12.70 -22.73 26.94
N PRO B 368 -12.33 -23.44 28.05
CA PRO B 368 -11.57 -22.78 29.14
C PRO B 368 -10.28 -22.17 28.55
N GLN B 369 -10.02 -20.89 28.89
CA GLN B 369 -8.94 -20.06 28.35
C GLN B 369 -7.51 -20.62 28.37
N GLY B 370 -7.11 -21.23 29.49
CA GLY B 370 -5.77 -21.82 29.62
C GLY B 370 -5.52 -22.89 28.58
N THR B 371 -6.42 -23.89 28.50
CA THR B 371 -6.38 -24.99 27.51
C THR B 371 -6.41 -24.44 26.08
N ALA B 372 -7.29 -23.46 25.83
CA ALA B 372 -7.42 -22.80 24.52
C ALA B 372 -6.06 -22.18 24.10
N VAL B 373 -5.44 -21.37 25.02
CA VAL B 373 -4.14 -20.71 24.81
C VAL B 373 -3.06 -21.74 24.52
N TYR B 374 -3.01 -22.78 25.32
CA TYR B 374 -2.03 -23.83 25.14
C TYR B 374 -2.16 -24.57 23.80
N ALA B 375 -3.34 -25.13 23.54
CA ALA B 375 -3.63 -25.95 22.38
C ALA B 375 -3.34 -25.22 21.07
N VAL B 376 -3.80 -23.97 20.96
CA VAL B 376 -3.58 -23.15 19.77
C VAL B 376 -2.09 -22.80 19.58
N ALA B 377 -1.43 -22.27 20.63
CA ALA B 377 -0.02 -21.87 20.54
C ALA B 377 0.93 -23.06 20.34
N GLU B 378 0.58 -24.26 20.83
CA GLU B 378 1.38 -25.48 20.67
C GLU B 378 1.52 -25.77 19.17
N PHE B 379 0.40 -25.60 18.44
CA PHE B 379 0.34 -25.80 17.01
C PHE B 379 0.94 -24.60 16.25
N ALA B 380 0.42 -23.39 16.50
CA ALA B 380 0.81 -22.14 15.80
C ALA B 380 2.30 -21.81 15.87
N SER B 381 2.94 -22.07 17.03
CA SER B 381 4.38 -21.83 17.22
C SER B 381 5.23 -22.65 16.23
N ARG B 382 4.70 -23.79 15.71
CA ARG B 382 5.41 -24.63 14.72
C ARG B 382 5.56 -23.91 13.39
N PHE B 383 4.71 -22.90 13.13
CA PHE B 383 4.68 -22.12 11.88
C PHE B 383 5.16 -20.68 12.09
N GLY B 384 5.54 -20.35 13.32
CA GLY B 384 5.98 -19.02 13.70
C GLY B 384 4.85 -18.00 13.75
N ILE B 385 3.64 -18.45 14.04
CA ILE B 385 2.49 -17.55 14.09
C ILE B 385 2.19 -17.18 15.53
N PRO B 386 2.45 -15.91 15.94
CA PRO B 386 2.19 -15.51 17.33
C PRO B 386 0.74 -15.61 17.70
N CYS B 387 0.49 -15.90 18.99
CA CYS B 387 -0.85 -16.08 19.52
C CYS B 387 -1.17 -15.05 20.58
N ILE B 388 -2.36 -14.48 20.48
CA ILE B 388 -2.82 -13.46 21.43
C ILE B 388 -3.87 -14.06 22.36
N ALA B 389 -3.53 -14.15 23.66
CA ALA B 389 -4.44 -14.64 24.70
C ALA B 389 -5.45 -13.52 24.99
N ASP B 390 -6.65 -13.70 24.46
CA ASP B 390 -7.71 -12.69 24.57
C ASP B 390 -8.88 -13.14 25.46
N GLY B 391 -9.15 -12.36 26.50
CA GLY B 391 -10.25 -12.61 27.43
C GLY B 391 -9.80 -13.23 28.75
N GLY B 392 -10.39 -12.75 29.84
CA GLY B 392 -10.12 -13.28 31.18
C GLY B 392 -8.80 -12.91 31.82
N ILE B 393 -8.19 -11.78 31.38
CA ILE B 393 -6.94 -11.26 31.98
C ILE B 393 -7.42 -10.22 33.02
N GLY B 394 -7.36 -10.57 34.30
CA GLY B 394 -7.82 -9.67 35.36
C GLY B 394 -6.73 -9.15 36.27
N ASN B 395 -5.49 -9.65 36.10
CA ASN B 395 -4.34 -9.31 36.95
C ASN B 395 -3.03 -9.76 36.27
N ILE B 396 -1.86 -9.36 36.84
CA ILE B 396 -0.53 -9.73 36.35
C ILE B 396 -0.31 -11.24 36.22
N GLY B 397 -0.77 -12.00 37.22
CA GLY B 397 -0.67 -13.45 37.25
C GLY B 397 -1.26 -14.09 36.02
N HIS B 398 -2.44 -13.58 35.57
CA HIS B 398 -3.11 -14.06 34.36
C HIS B 398 -2.23 -13.84 33.13
N ILE B 399 -1.59 -12.65 33.05
CA ILE B 399 -0.67 -12.29 31.96
C ILE B 399 0.51 -13.28 31.92
N ALA B 400 1.18 -13.52 33.08
CA ALA B 400 2.35 -14.39 33.19
C ALA B 400 2.02 -15.82 32.79
N LYS B 401 0.87 -16.31 33.25
CA LYS B 401 0.35 -17.64 32.96
C LYS B 401 0.00 -17.78 31.48
N ALA B 402 -0.68 -16.78 30.87
CA ALA B 402 -1.03 -16.83 29.43
C ALA B 402 0.25 -16.96 28.57
N LEU B 403 1.27 -16.15 28.89
CA LEU B 403 2.58 -16.17 28.22
C LEU B 403 3.32 -17.51 28.44
N ALA B 404 3.30 -18.01 29.71
CA ALA B 404 3.91 -19.28 30.10
C ALA B 404 3.30 -20.49 29.35
N LEU B 405 2.01 -20.37 28.97
CA LEU B 405 1.27 -21.37 28.20
C LEU B 405 1.62 -21.40 26.72
N GLY B 406 2.26 -20.34 26.23
CA GLY B 406 2.69 -20.28 24.84
C GLY B 406 2.24 -19.04 24.10
N ALA B 407 1.42 -18.18 24.76
CA ALA B 407 0.96 -16.95 24.11
C ALA B 407 2.11 -16.00 23.94
N SER B 408 2.11 -15.25 22.82
CA SER B 408 3.16 -14.26 22.61
C SER B 408 2.72 -12.91 23.12
N ALA B 409 1.42 -12.72 23.40
CA ALA B 409 0.88 -11.45 23.87
C ALA B 409 -0.49 -11.68 24.44
N VAL B 410 -1.02 -10.68 25.11
CA VAL B 410 -2.32 -10.72 25.78
C VAL B 410 -3.15 -9.54 25.29
N MET B 411 -4.47 -9.70 25.29
CA MET B 411 -5.40 -8.67 24.90
C MET B 411 -6.28 -8.40 26.11
N MET B 412 -6.45 -7.11 26.43
CA MET B 412 -7.23 -6.70 27.60
C MET B 412 -8.39 -5.79 27.26
N GLY B 413 -9.56 -6.14 27.76
CA GLY B 413 -10.77 -5.34 27.66
C GLY B 413 -11.01 -4.75 29.04
N GLY B 414 -11.47 -5.60 29.97
CA GLY B 414 -11.78 -5.24 31.35
C GLY B 414 -10.68 -4.52 32.12
N LEU B 415 -9.43 -5.04 32.06
CA LEU B 415 -8.29 -4.42 32.75
C LEU B 415 -8.00 -2.97 32.29
N LEU B 416 -8.34 -2.63 31.02
CA LEU B 416 -8.13 -1.31 30.44
C LEU B 416 -9.37 -0.41 30.43
N ALA B 417 -10.55 -0.97 30.74
CA ALA B 417 -11.78 -0.18 30.83
C ALA B 417 -11.74 0.63 32.13
N GLY B 418 -12.39 1.80 32.17
CA GLY B 418 -12.42 2.64 33.36
C GLY B 418 -11.20 3.54 33.53
N THR B 419 -10.19 3.38 32.65
CA THR B 419 -8.98 4.22 32.62
C THR B 419 -9.32 5.53 31.92
N THR B 420 -8.53 6.58 32.15
CA THR B 420 -8.69 7.93 31.58
C THR B 420 -8.64 7.92 30.03
N GLU B 421 -7.75 7.08 29.46
CA GLU B 421 -7.50 6.95 28.02
C GLU B 421 -8.56 6.16 27.27
N SER B 422 -9.39 5.40 27.99
CA SER B 422 -10.48 4.62 27.41
C SER B 422 -11.61 5.57 26.95
N PRO B 423 -12.43 5.21 25.92
CA PRO B 423 -13.51 6.09 25.52
C PRO B 423 -14.72 6.00 26.46
N GLY B 424 -15.56 7.02 26.38
CA GLY B 424 -16.76 7.13 27.20
C GLY B 424 -16.53 8.04 28.38
N GLU B 425 -17.60 8.68 28.86
CA GLU B 425 -17.54 9.60 29.98
C GLU B 425 -17.61 8.92 31.35
N TYR B 426 -16.97 9.53 32.35
CA TYR B 426 -17.03 9.08 33.74
C TYR B 426 -18.38 9.56 34.27
N PHE B 427 -18.98 8.78 35.17
CA PHE B 427 -20.24 9.13 35.81
C PHE B 427 -20.27 8.52 37.20
N TYR B 428 -21.14 9.04 38.05
CA TYR B 428 -21.24 8.52 39.40
C TYR B 428 -22.39 7.55 39.56
N HIS B 429 -22.11 6.42 40.22
CA HIS B 429 -23.05 5.36 40.47
C HIS B 429 -22.95 5.00 41.93
N GLU B 430 -23.88 5.55 42.74
CA GLU B 430 -23.98 5.34 44.19
C GLU B 430 -22.67 5.67 44.93
N GLY B 431 -22.10 6.83 44.62
CA GLY B 431 -20.87 7.33 45.24
C GLY B 431 -19.58 6.99 44.53
N LYS B 432 -19.64 5.99 43.62
CA LYS B 432 -18.47 5.52 42.88
C LYS B 432 -18.33 6.16 41.51
N ARG B 433 -17.10 6.62 41.17
CA ARG B 433 -16.79 7.17 39.85
C ARG B 433 -16.56 5.96 38.93
N VAL B 434 -17.41 5.84 37.90
CA VAL B 434 -17.39 4.70 36.97
C VAL B 434 -17.48 5.10 35.50
N LYS B 435 -17.20 4.14 34.64
CA LYS B 435 -17.38 4.22 33.19
C LYS B 435 -18.18 2.97 32.80
N VAL B 436 -18.92 3.02 31.69
CA VAL B 436 -19.60 1.82 31.17
C VAL B 436 -18.49 0.91 30.59
N TYR B 437 -18.62 -0.40 30.79
CA TYR B 437 -17.82 -1.43 30.15
C TYR B 437 -18.81 -2.47 29.68
N ARG B 438 -18.79 -2.78 28.38
CA ARG B 438 -19.76 -3.67 27.80
C ARG B 438 -19.19 -4.57 26.72
N GLY B 439 -19.81 -5.74 26.57
CA GLY B 439 -19.46 -6.67 25.51
C GLY B 439 -19.95 -6.10 24.20
N MET B 440 -19.25 -6.43 23.11
CA MET B 440 -19.64 -5.96 21.78
C MET B 440 -20.86 -6.71 21.26
N GLY B 441 -21.20 -7.84 21.91
CA GLY B 441 -22.37 -8.64 21.59
C GLY B 441 -23.52 -8.37 22.55
N SER B 442 -23.43 -7.27 23.32
CA SER B 442 -24.51 -6.87 24.23
C SER B 442 -25.54 -6.18 23.34
N ILE B 443 -26.80 -6.10 23.78
CA ILE B 443 -27.85 -5.44 23.00
C ILE B 443 -27.48 -3.96 22.83
N GLU B 444 -26.93 -3.34 23.89
CA GLU B 444 -26.50 -1.94 23.96
C GLU B 444 -25.45 -1.61 22.92
N ALA B 445 -24.41 -2.47 22.78
CA ALA B 445 -23.37 -2.27 21.76
C ALA B 445 -23.95 -2.52 20.35
N MET B 446 -24.81 -3.55 20.19
CA MET B 446 -25.42 -3.87 18.89
C MET B 446 -26.38 -2.78 18.39
N GLU B 447 -27.03 -2.03 19.31
CA GLU B 447 -27.98 -0.93 19.03
C GLU B 447 -27.35 0.39 18.54
N HIS B 448 -26.14 0.35 17.94
CA HIS B 448 -25.42 1.50 17.39
C HIS B 448 -25.21 2.69 18.34
N THR B 449 -24.53 2.44 19.49
CA THR B 449 -24.20 3.50 20.44
C THR B 449 -22.72 3.56 20.79
N GLY B 462 -19.36 -17.42 33.60
CA GLY B 462 -19.45 -16.52 34.74
C GLY B 462 -19.47 -15.05 34.38
N LEU B 463 -19.26 -14.17 35.38
CA LEU B 463 -19.26 -12.71 35.21
C LEU B 463 -18.52 -11.95 36.34
N ASP B 464 -17.25 -11.57 36.07
CA ASP B 464 -16.42 -10.81 37.00
C ASP B 464 -15.97 -9.50 36.36
N ASN B 465 -16.86 -8.48 36.41
CA ASN B 465 -16.68 -7.14 35.82
C ASN B 465 -15.48 -6.29 36.35
N ALA B 466 -15.35 -6.02 37.68
CA ALA B 466 -16.21 -6.43 38.79
C ALA B 466 -16.71 -5.25 39.64
N ALA B 467 -17.85 -4.63 39.20
CA ALA B 467 -18.49 -3.51 39.91
C ALA B 467 -20.01 -3.66 39.88
N THR B 468 -20.63 -3.49 38.69
CA THR B 468 -22.06 -3.62 38.43
C THR B 468 -22.24 -4.02 36.98
N ALA B 469 -23.16 -4.96 36.72
CA ALA B 469 -23.47 -5.49 35.39
C ALA B 469 -24.86 -6.11 35.38
N ARG B 470 -25.37 -6.42 34.17
CA ARG B 470 -26.67 -7.06 34.01
C ARG B 470 -26.80 -7.87 32.72
N TYR B 471 -27.43 -9.06 32.80
CA TYR B 471 -27.63 -9.95 31.67
C TYR B 471 -29.03 -10.05 31.10
N PHE B 472 -29.18 -9.64 29.83
CA PHE B 472 -30.41 -9.84 29.08
C PHE B 472 -30.17 -10.66 27.84
N SER B 473 -31.06 -11.62 27.62
CA SER B 473 -31.00 -12.63 26.58
C SER B 473 -31.26 -12.10 25.17
N GLU B 474 -32.22 -11.17 25.04
CA GLU B 474 -32.72 -10.63 23.77
C GLU B 474 -33.39 -9.27 23.94
N ALA B 475 -33.61 -8.58 22.80
CA ALA B 475 -34.32 -7.31 22.66
C ALA B 475 -35.23 -7.45 21.44
N ASP B 476 -34.73 -8.22 20.47
CA ASP B 476 -35.38 -8.61 19.23
C ASP B 476 -35.22 -10.14 19.16
N ALA B 477 -36.29 -10.88 18.77
CA ALA B 477 -36.31 -12.35 18.65
C ALA B 477 -35.09 -12.90 17.86
N VAL B 478 -34.66 -12.16 16.82
CA VAL B 478 -33.48 -12.48 16.00
C VAL B 478 -32.17 -12.07 16.71
N LYS B 479 -32.21 -10.97 17.53
CA LYS B 479 -31.04 -10.46 18.27
C LYS B 479 -30.78 -11.22 19.56
N VAL B 480 -29.89 -12.22 19.48
CA VAL B 480 -29.48 -13.02 20.62
C VAL B 480 -28.22 -12.37 21.23
N ALA B 481 -28.32 -11.88 22.48
CA ALA B 481 -27.22 -11.22 23.19
C ALA B 481 -26.11 -12.22 23.48
N GLN B 482 -24.87 -11.81 23.19
CA GLN B 482 -23.69 -12.65 23.42
C GLN B 482 -22.80 -12.10 24.54
N GLY B 483 -23.17 -10.92 25.03
CA GLY B 483 -22.46 -10.25 26.11
C GLY B 483 -23.32 -9.31 26.92
N VAL B 484 -22.75 -8.74 27.97
CA VAL B 484 -23.45 -7.86 28.91
C VAL B 484 -22.94 -6.44 28.94
N SER B 485 -23.78 -5.51 29.39
CA SER B 485 -23.43 -4.12 29.60
C SER B 485 -23.46 -3.82 31.08
N GLY B 486 -22.36 -3.28 31.58
CA GLY B 486 -22.22 -2.90 32.97
C GLY B 486 -21.31 -1.70 33.14
N ASP B 487 -20.81 -1.49 34.36
CA ASP B 487 -19.87 -0.41 34.63
C ASP B 487 -18.65 -0.90 35.37
N VAL B 488 -17.54 -0.16 35.26
CA VAL B 488 -16.29 -0.46 35.95
C VAL B 488 -15.80 0.75 36.71
N ALA B 489 -15.19 0.53 37.87
CA ALA B 489 -14.65 1.58 38.72
C ALA B 489 -13.49 2.29 38.03
N ASP B 490 -13.31 3.59 38.33
CA ASP B 490 -12.22 4.43 37.84
C ASP B 490 -10.87 3.75 38.17
N LYS B 491 -10.02 3.52 37.15
CA LYS B 491 -8.73 2.86 37.32
C LYS B 491 -7.55 3.85 37.26
N GLY B 492 -7.86 5.11 36.98
CA GLY B 492 -6.87 6.16 36.81
C GLY B 492 -6.28 6.12 35.41
N SER B 493 -5.12 6.73 35.22
CA SER B 493 -4.47 6.73 33.91
C SER B 493 -3.69 5.44 33.70
N ILE B 494 -3.48 5.03 32.43
CA ILE B 494 -2.67 3.86 32.10
C ILE B 494 -1.17 4.20 32.31
N ASN B 495 -0.84 5.51 32.39
CA ASN B 495 0.51 6.03 32.63
C ASN B 495 1.09 5.55 33.96
N LYS B 496 0.21 5.25 34.92
CA LYS B 496 0.57 4.73 36.24
C LYS B 496 0.33 3.20 36.26
N PHE B 497 -0.74 2.76 35.62
CA PHE B 497 -1.20 1.37 35.55
C PHE B 497 -0.34 0.39 34.72
N VAL B 498 0.00 0.77 33.46
CA VAL B 498 0.84 -0.03 32.57
C VAL B 498 2.26 -0.26 33.15
N PRO B 499 2.97 0.77 33.72
CA PRO B 499 4.27 0.47 34.36
C PRO B 499 4.15 -0.50 35.53
N TYR B 500 3.02 -0.45 36.28
CA TYR B 500 2.73 -1.39 37.37
C TYR B 500 2.66 -2.84 36.80
N LEU B 501 1.86 -3.04 35.72
CA LEU B 501 1.70 -4.34 35.04
C LEU B 501 3.06 -4.85 34.51
N PHE B 502 3.85 -3.96 33.90
CA PHE B 502 5.17 -4.22 33.33
C PHE B 502 6.13 -4.72 34.41
N THR B 503 6.25 -3.97 35.53
CA THR B 503 7.14 -4.30 36.66
C THR B 503 6.76 -5.64 37.29
N GLY B 504 5.46 -5.81 37.54
CA GLY B 504 4.90 -7.02 38.12
C GLY B 504 5.20 -8.25 37.29
N LEU B 505 5.09 -8.10 35.94
CA LEU B 505 5.37 -9.18 35.00
C LEU B 505 6.86 -9.54 34.97
N GLN B 506 7.77 -8.54 35.07
CA GLN B 506 9.22 -8.76 35.16
C GLN B 506 9.53 -9.56 36.42
N HIS B 507 8.92 -9.17 37.55
CA HIS B 507 9.04 -9.91 38.81
C HIS B 507 8.55 -11.36 38.73
N SER B 508 7.40 -11.62 38.04
CA SER B 508 6.84 -12.97 37.88
C SER B 508 7.79 -13.88 37.11
N LEU B 509 8.33 -13.39 35.98
CA LEU B 509 9.27 -14.12 35.13
C LEU B 509 10.59 -14.36 35.90
N GLN B 510 11.02 -13.35 36.70
CA GLN B 510 12.21 -13.52 37.52
C GLN B 510 12.01 -14.69 38.51
N ASP B 511 10.85 -14.77 39.17
CA ASP B 511 10.52 -15.86 40.13
C ASP B 511 10.54 -17.23 39.47
N ALA B 512 10.12 -17.31 38.21
CA ALA B 512 10.13 -18.55 37.44
C ALA B 512 11.56 -18.89 36.93
N GLY B 513 12.50 -17.95 37.11
CA GLY B 513 13.89 -18.05 36.67
C GLY B 513 14.07 -17.78 35.20
N ILE B 514 13.20 -16.89 34.65
CA ILE B 514 13.14 -16.58 33.24
C ILE B 514 13.47 -15.10 32.96
N LYS B 515 14.34 -14.86 31.97
CA LYS B 515 14.84 -13.54 31.56
C LYS B 515 14.14 -12.91 30.34
N SER B 516 13.40 -13.71 29.54
CA SER B 516 12.71 -13.23 28.33
C SER B 516 11.50 -14.12 27.98
N VAL B 517 10.61 -13.61 27.10
CA VAL B 517 9.41 -14.36 26.63
C VAL B 517 9.86 -15.58 25.79
N SER B 518 10.90 -15.40 24.99
CA SER B 518 11.53 -16.42 24.17
C SER B 518 12.01 -17.59 25.05
N GLU B 519 12.72 -17.29 26.16
CA GLU B 519 13.23 -18.27 27.12
C GLU B 519 12.05 -18.94 27.88
N LEU B 520 11.04 -18.15 28.26
CA LEU B 520 9.83 -18.65 28.89
C LEU B 520 9.22 -19.79 28.04
N HIS B 521 9.10 -19.57 26.71
CA HIS B 521 8.52 -20.53 25.78
C HIS B 521 9.39 -21.77 25.60
N SER B 522 10.69 -21.55 25.43
CA SER B 522 11.71 -22.57 25.24
C SER B 522 11.73 -23.53 26.44
N CYS B 523 11.66 -22.97 27.68
CA CYS B 523 11.65 -23.71 28.93
C CYS B 523 10.32 -24.42 29.17
N ALA B 524 9.22 -23.81 28.69
CA ALA B 524 7.90 -24.42 28.76
C ALA B 524 7.85 -25.70 27.88
N ARG B 525 8.44 -25.65 26.67
CA ARG B 525 8.48 -26.79 25.73
C ARG B 525 9.48 -27.87 26.15
N SER B 526 10.61 -27.49 26.79
CA SER B 526 11.64 -28.44 27.18
C SER B 526 11.29 -29.23 28.43
N GLY B 527 10.42 -28.67 29.27
CA GLY B 527 10.00 -29.25 30.53
C GLY B 527 10.78 -28.70 31.71
N SER B 528 11.67 -27.73 31.45
CA SER B 528 12.47 -27.06 32.48
C SER B 528 11.54 -26.17 33.34
N LEU B 529 10.57 -25.48 32.69
CA LEU B 529 9.60 -24.65 33.38
C LEU B 529 8.50 -25.57 33.89
N ARG B 530 8.24 -25.55 35.21
CA ARG B 530 7.29 -26.48 35.83
C ARG B 530 6.04 -25.81 36.35
N PHE B 531 5.00 -26.62 36.46
CA PHE B 531 3.68 -26.19 36.85
C PHE B 531 3.08 -27.10 37.90
N GLU B 532 2.02 -26.60 38.54
CA GLU B 532 1.30 -27.33 39.55
C GLU B 532 -0.16 -26.96 39.46
N LEU B 533 -1.06 -27.98 39.41
CA LEU B 533 -2.51 -27.78 39.40
C LEU B 533 -2.92 -27.35 40.79
N ARG B 534 -3.96 -26.53 40.90
CA ARG B 534 -4.49 -26.15 42.21
C ARG B 534 -5.91 -26.69 42.31
N THR B 535 -6.23 -27.44 43.38
CA THR B 535 -7.60 -27.94 43.59
C THR B 535 -8.46 -26.74 44.06
N ALA B 536 -9.78 -26.93 44.33
CA ALA B 536 -10.64 -25.86 44.87
C ALA B 536 -9.98 -25.28 46.15
N SER B 537 -9.28 -26.18 46.92
CA SER B 537 -8.45 -26.02 48.11
C SER B 537 -9.13 -26.12 49.46
#